data_2RV2
#
_entry.id   2RV2
#
loop_
_entity.id
_entity.type
_entity.pdbx_description
1 polymer 'Zinc finger protein ZFAT'
2 non-polymer 'ZINC ION'
#
_entity_poly.entity_id   1
_entity_poly.type   'polypeptide(L)'
_entity_poly.pdbx_seq_one_letter_code
;GSSGSSGKPFKCSLCEYATRSKSNLKAHMNRHSTEK
;
_entity_poly.pdbx_strand_id   A
#
loop_
_chem_comp.id
_chem_comp.type
_chem_comp.name
_chem_comp.formula
ZN non-polymer 'ZINC ION' 'Zn 2'
#
# COMPACT_ATOMS: atom_id res chain seq x y z
N GLY A 1 23.91 3.99 5.23
CA GLY A 1 22.98 3.03 5.87
C GLY A 1 22.11 2.31 4.86
N SER A 2 20.94 1.83 5.30
CA SER A 2 19.96 1.10 4.48
C SER A 2 18.51 1.38 4.91
N SER A 3 17.55 1.09 4.03
CA SER A 3 16.11 1.33 4.26
C SER A 3 15.51 0.44 5.37
N GLY A 4 14.60 1.01 6.17
CA GLY A 4 13.85 0.28 7.20
C GLY A 4 12.71 -0.59 6.65
N SER A 5 12.08 -1.37 7.54
CA SER A 5 10.98 -2.29 7.21
C SER A 5 9.59 -1.61 7.10
N SER A 6 9.47 -0.36 7.54
CA SER A 6 8.26 0.48 7.45
C SER A 6 6.97 -0.11 8.05
N GLY A 7 7.09 -1.05 9.00
CA GLY A 7 5.98 -1.74 9.69
C GLY A 7 5.20 -2.77 8.86
N LYS A 8 5.04 -2.53 7.55
CA LYS A 8 4.30 -3.37 6.60
C LYS A 8 5.06 -3.58 5.27
N PRO A 9 4.97 -4.78 4.66
CA PRO A 9 5.73 -5.18 3.48
C PRO A 9 5.33 -4.46 2.18
N PHE A 10 4.02 -4.24 1.97
CA PHE A 10 3.48 -3.70 0.71
C PHE A 10 2.92 -2.30 0.95
N LYS A 11 3.80 -1.33 0.75
CA LYS A 11 3.57 0.11 0.84
C LYS A 11 3.35 0.68 -0.58
N CYS A 12 2.20 1.30 -0.78
CA CYS A 12 1.76 1.99 -2.00
C CYS A 12 2.82 2.97 -2.56
N SER A 13 2.98 2.99 -3.88
CA SER A 13 3.94 3.86 -4.57
C SER A 13 3.48 5.32 -4.69
N LEU A 14 2.23 5.62 -4.28
CA LEU A 14 1.56 6.90 -4.50
C LEU A 14 1.14 7.59 -3.19
N CYS A 15 0.64 6.80 -2.23
CA CYS A 15 0.12 7.28 -0.94
C CYS A 15 0.71 6.53 0.27
N GLU A 16 0.23 6.88 1.46
CA GLU A 16 0.68 6.32 2.75
C GLU A 16 -0.01 4.99 3.11
N TYR A 17 -0.78 4.41 2.19
CA TYR A 17 -1.36 3.08 2.34
C TYR A 17 -0.29 1.99 2.40
N ALA A 18 -0.47 1.04 3.33
CA ALA A 18 0.32 -0.19 3.37
C ALA A 18 -0.46 -1.38 3.95
N THR A 19 -0.09 -2.59 3.52
CA THR A 19 -0.74 -3.85 3.89
C THR A 19 0.27 -5.00 4.01
N ARG A 20 -0.15 -6.09 4.66
CA ARG A 20 0.62 -7.34 4.87
C ARG A 20 0.47 -8.37 3.74
N SER A 21 -0.35 -8.10 2.72
CA SER A 21 -0.52 -8.98 1.54
C SER A 21 -0.51 -8.22 0.21
N LYS A 22 0.22 -8.75 -0.79
CA LYS A 22 0.41 -8.12 -2.11
C LYS A 22 -0.87 -8.04 -2.93
N SER A 23 -1.79 -9.00 -2.77
CA SER A 23 -3.10 -9.00 -3.44
C SER A 23 -4.04 -7.91 -2.88
N ASN A 24 -3.88 -7.56 -1.60
CA ASN A 24 -4.62 -6.48 -0.96
C ASN A 24 -4.11 -5.10 -1.44
N LEU A 25 -2.78 -4.92 -1.54
CA LEU A 25 -2.20 -3.73 -2.17
C LEU A 25 -2.63 -3.61 -3.64
N LYS A 26 -2.56 -4.70 -4.41
CA LYS A 26 -3.00 -4.74 -5.83
C LYS A 26 -4.44 -4.23 -5.99
N ALA A 27 -5.32 -4.54 -5.05
CA ALA A 27 -6.71 -4.05 -5.06
C ALA A 27 -6.81 -2.55 -4.77
N HIS A 28 -5.95 -2.04 -3.87
CA HIS A 28 -5.79 -0.62 -3.60
C HIS A 28 -5.20 0.17 -4.79
N MET A 29 -4.19 -0.38 -5.49
CA MET A 29 -3.59 0.24 -6.68
C MET A 29 -4.57 0.31 -7.86
N ASN A 30 -5.56 -0.59 -7.93
CA ASN A 30 -6.65 -0.52 -8.90
C ASN A 30 -7.59 0.68 -8.65
N ARG A 31 -7.74 1.14 -7.40
CA ARG A 31 -8.49 2.38 -7.07
C ARG A 31 -7.77 3.62 -7.61
N HIS A 32 -6.46 3.71 -7.43
CA HIS A 32 -5.63 4.75 -8.04
C HIS A 32 -5.66 4.71 -9.58
N SER A 33 -5.72 3.50 -10.16
CA SER A 33 -5.76 3.30 -11.62
C SER A 33 -7.08 3.75 -12.26
N THR A 34 -8.22 3.44 -11.63
CA THR A 34 -9.56 3.77 -12.16
C THR A 34 -10.01 5.21 -11.86
N GLU A 35 -9.48 5.85 -10.82
CA GLU A 35 -9.77 7.25 -10.48
C GLU A 35 -9.09 8.22 -11.46
N LYS A 36 -9.89 9.06 -12.14
CA LYS A 36 -9.48 10.10 -13.09
C LYS A 36 -10.51 11.24 -13.21
ZN ZN B . -2.22 4.34 -2.49
N GLY A 1 15.45 1.30 6.63
CA GLY A 1 15.43 1.42 8.11
C GLY A 1 14.51 0.38 8.74
N SER A 2 14.82 -0.06 9.95
CA SER A 2 14.12 -1.16 10.66
C SER A 2 12.64 -0.87 10.99
N SER A 3 12.24 0.40 11.00
CA SER A 3 10.83 0.81 11.12
C SER A 3 9.96 0.36 9.94
N GLY A 4 10.55 0.22 8.75
CA GLY A 4 9.87 -0.27 7.54
C GLY A 4 9.59 -1.78 7.60
N SER A 5 10.58 -2.59 8.00
CA SER A 5 10.44 -4.05 8.14
C SER A 5 9.63 -4.46 9.38
N SER A 6 9.62 -3.63 10.43
CA SER A 6 8.70 -3.79 11.59
C SER A 6 7.25 -3.37 11.28
N GLY A 7 7.04 -2.60 10.21
CA GLY A 7 5.74 -2.13 9.73
C GLY A 7 5.07 -3.09 8.75
N LYS A 8 4.59 -2.56 7.62
CA LYS A 8 3.92 -3.33 6.55
C LYS A 8 4.86 -3.53 5.33
N PRO A 9 4.88 -4.73 4.71
CA PRO A 9 5.73 -5.07 3.57
C PRO A 9 5.33 -4.37 2.27
N PHE A 10 4.03 -4.22 1.99
CA PHE A 10 3.51 -3.71 0.72
C PHE A 10 2.92 -2.32 0.92
N LYS A 11 3.81 -1.34 0.73
CA LYS A 11 3.57 0.10 0.80
C LYS A 11 3.36 0.64 -0.63
N CYS A 12 2.20 1.26 -0.84
CA CYS A 12 1.78 1.93 -2.08
C CYS A 12 2.84 2.92 -2.63
N SER A 13 3.02 2.94 -3.94
CA SER A 13 3.98 3.81 -4.63
C SER A 13 3.50 5.27 -4.76
N LEU A 14 2.25 5.56 -4.37
CA LEU A 14 1.59 6.86 -4.59
C LEU A 14 1.16 7.54 -3.29
N CYS A 15 0.64 6.75 -2.33
CA CYS A 15 0.10 7.22 -1.05
C CYS A 15 0.69 6.50 0.17
N GLU A 16 0.20 6.85 1.36
CA GLU A 16 0.64 6.30 2.65
C GLU A 16 -0.04 4.96 3.02
N TYR A 17 -0.81 4.38 2.09
CA TYR A 17 -1.37 3.05 2.25
C TYR A 17 -0.30 1.96 2.32
N ALA A 18 -0.48 1.01 3.24
CA ALA A 18 0.31 -0.22 3.27
C ALA A 18 -0.46 -1.40 3.86
N THR A 19 -0.08 -2.62 3.48
CA THR A 19 -0.72 -3.88 3.88
C THR A 19 0.29 -5.03 4.01
N ARG A 20 -0.09 -6.09 4.76
CA ARG A 20 0.67 -7.34 4.92
C ARG A 20 0.53 -8.31 3.73
N SER A 21 -0.39 -8.05 2.79
CA SER A 21 -0.69 -8.96 1.65
C SER A 21 -0.62 -8.23 0.29
N LYS A 22 0.24 -8.73 -0.62
CA LYS A 22 0.47 -8.10 -1.95
C LYS A 22 -0.78 -8.08 -2.84
N SER A 23 -1.66 -9.07 -2.70
CA SER A 23 -2.97 -9.14 -3.37
C SER A 23 -3.93 -8.04 -2.90
N ASN A 24 -3.83 -7.61 -1.64
CA ASN A 24 -4.62 -6.51 -1.08
C ASN A 24 -4.07 -5.15 -1.54
N LEU A 25 -2.74 -4.98 -1.60
CA LEU A 25 -2.14 -3.79 -2.22
C LEU A 25 -2.53 -3.68 -3.70
N LYS A 26 -2.44 -4.77 -4.45
CA LYS A 26 -2.88 -4.84 -5.87
C LYS A 26 -4.32 -4.34 -6.07
N ALA A 27 -5.21 -4.64 -5.12
CA ALA A 27 -6.59 -4.16 -5.14
C ALA A 27 -6.69 -2.66 -4.82
N HIS A 28 -5.86 -2.16 -3.89
CA HIS A 28 -5.72 -0.74 -3.60
C HIS A 28 -5.16 0.07 -4.77
N MET A 29 -4.17 -0.45 -5.51
CA MET A 29 -3.57 0.23 -6.66
C MET A 29 -4.58 0.44 -7.80
N ASN A 30 -5.59 -0.43 -7.92
CA ASN A 30 -6.71 -0.27 -8.84
C ASN A 30 -7.72 0.83 -8.42
N ARG A 31 -7.63 1.36 -7.18
CA ARG A 31 -8.43 2.53 -6.72
C ARG A 31 -7.82 3.85 -7.18
N HIS A 32 -6.50 3.90 -7.39
CA HIS A 32 -5.80 5.05 -7.99
C HIS A 32 -6.00 5.17 -9.51
N SER A 33 -6.60 4.16 -10.17
CA SER A 33 -6.89 4.09 -11.61
C SER A 33 -8.09 4.95 -12.04
N THR A 34 -8.06 6.24 -11.69
CA THR A 34 -9.15 7.21 -11.88
C THR A 34 -8.60 8.65 -12.05
N GLU A 35 -9.48 9.63 -12.28
CA GLU A 35 -9.15 11.04 -12.46
C GLU A 35 -8.79 11.76 -11.14
N LYS A 36 -8.03 12.86 -11.24
CA LYS A 36 -7.61 13.73 -10.12
C LYS A 36 -7.94 15.20 -10.39
ZN ZN B . -2.21 4.28 -2.62
N GLY A 1 8.27 13.08 5.46
CA GLY A 1 9.54 12.78 4.77
C GLY A 1 10.39 11.80 5.57
N SER A 2 11.71 11.96 5.51
CA SER A 2 12.80 11.26 6.24
C SER A 2 12.91 9.73 6.16
N SER A 3 11.83 9.00 5.83
CA SER A 3 11.73 7.53 5.88
C SER A 3 12.09 6.91 7.24
N GLY A 4 11.89 7.67 8.33
CA GLY A 4 12.30 7.33 9.70
C GLY A 4 11.46 6.26 10.42
N SER A 5 10.41 5.72 9.78
CA SER A 5 9.52 4.68 10.32
C SER A 5 9.05 3.70 9.23
N SER A 6 8.83 2.44 9.62
CA SER A 6 8.34 1.34 8.76
C SER A 6 7.62 0.26 9.59
N GLY A 7 7.00 -0.72 8.93
CA GLY A 7 6.33 -1.85 9.61
C GLY A 7 5.65 -2.86 8.67
N LYS A 8 5.04 -2.38 7.58
CA LYS A 8 4.27 -3.20 6.61
C LYS A 8 5.10 -3.51 5.35
N PRO A 9 4.97 -4.72 4.76
CA PRO A 9 5.75 -5.15 3.60
C PRO A 9 5.36 -4.45 2.29
N PHE A 10 4.07 -4.18 2.06
CA PHE A 10 3.55 -3.62 0.80
C PHE A 10 2.99 -2.23 1.02
N LYS A 11 3.87 -1.25 0.86
CA LYS A 11 3.61 0.19 0.79
C LYS A 11 3.27 0.59 -0.65
N CYS A 12 2.13 1.26 -0.82
CA CYS A 12 1.67 1.92 -2.04
C CYS A 12 2.75 2.85 -2.64
N SER A 13 2.83 2.87 -3.97
CA SER A 13 3.80 3.69 -4.71
C SER A 13 3.42 5.18 -4.78
N LEU A 14 2.21 5.53 -4.33
CA LEU A 14 1.59 6.85 -4.53
C LEU A 14 1.17 7.52 -3.21
N CYS A 15 0.63 6.73 -2.28
CA CYS A 15 0.12 7.21 -0.98
C CYS A 15 0.71 6.46 0.22
N GLU A 16 0.24 6.81 1.42
CA GLU A 16 0.69 6.25 2.70
C GLU A 16 0.04 4.90 3.05
N TYR A 17 -0.81 4.36 2.16
CA TYR A 17 -1.41 3.05 2.34
C TYR A 17 -0.38 1.93 2.38
N ALA A 18 -0.51 1.00 3.33
CA ALA A 18 0.27 -0.22 3.36
C ALA A 18 -0.49 -1.42 3.95
N THR A 19 -0.10 -2.62 3.53
CA THR A 19 -0.74 -3.89 3.92
C THR A 19 0.27 -5.05 4.02
N ARG A 20 -0.13 -6.14 4.69
CA ARG A 20 0.62 -7.40 4.82
C ARG A 20 0.50 -8.33 3.60
N SER A 21 -0.43 -8.07 2.69
CA SER A 21 -0.71 -8.95 1.52
C SER A 21 -0.61 -8.20 0.19
N LYS A 22 0.25 -8.68 -0.73
CA LYS A 22 0.47 -8.08 -2.05
C LYS A 22 -0.82 -8.02 -2.89
N SER A 23 -1.66 -9.04 -2.77
CA SER A 23 -3.00 -9.13 -3.40
C SER A 23 -3.98 -8.07 -2.88
N ASN A 24 -3.82 -7.60 -1.64
CA ASN A 24 -4.62 -6.52 -1.06
C ASN A 24 -4.11 -5.15 -1.52
N LEU A 25 -2.77 -4.95 -1.56
CA LEU A 25 -2.20 -3.74 -2.17
C LEU A 25 -2.60 -3.61 -3.65
N LYS A 26 -2.50 -4.68 -4.42
CA LYS A 26 -2.95 -4.74 -5.83
C LYS A 26 -4.37 -4.20 -6.01
N ALA A 27 -5.27 -4.57 -5.10
CA ALA A 27 -6.66 -4.12 -5.08
C ALA A 27 -6.79 -2.63 -4.74
N HIS A 28 -5.94 -2.11 -3.86
CA HIS A 28 -5.80 -0.68 -3.57
C HIS A 28 -5.24 0.12 -4.77
N MET A 29 -4.22 -0.38 -5.47
CA MET A 29 -3.61 0.27 -6.64
C MET A 29 -4.59 0.42 -7.81
N ASN A 30 -5.57 -0.48 -7.92
CA ASN A 30 -6.67 -0.36 -8.89
C ASN A 30 -7.56 0.87 -8.61
N ARG A 31 -7.70 1.32 -7.35
CA ARG A 31 -8.46 2.53 -6.97
C ARG A 31 -7.76 3.82 -7.39
N HIS A 32 -6.43 3.81 -7.46
CA HIS A 32 -5.64 4.90 -8.07
C HIS A 32 -5.71 4.87 -9.61
N SER A 33 -5.85 3.68 -10.21
CA SER A 33 -5.92 3.47 -11.66
C SER A 33 -7.26 3.92 -12.27
N THR A 34 -8.38 3.73 -11.56
CA THR A 34 -9.72 4.19 -11.99
C THR A 34 -9.87 5.71 -11.96
N GLU A 35 -10.61 6.26 -12.93
CA GLU A 35 -10.94 7.70 -13.00
C GLU A 35 -12.08 8.10 -12.05
N LYS A 36 -12.17 9.40 -11.72
CA LYS A 36 -13.18 10.02 -10.86
C LYS A 36 -13.82 11.25 -11.52
ZN ZN B . -2.27 4.34 -2.53
N GLY A 1 21.52 3.51 15.57
CA GLY A 1 21.45 2.22 14.87
C GLY A 1 20.53 2.28 13.67
N SER A 2 20.78 1.42 12.66
CA SER A 2 20.01 1.34 11.42
C SER A 2 18.74 0.47 11.49
N SER A 3 18.59 -0.33 12.54
CA SER A 3 17.43 -1.21 12.79
C SER A 3 16.18 -0.45 13.27
N GLY A 4 15.01 -1.07 13.10
CA GLY A 4 13.70 -0.52 13.48
C GLY A 4 12.53 -1.45 13.13
N SER A 5 11.30 -0.97 13.31
CA SER A 5 10.07 -1.73 12.96
C SER A 5 9.90 -1.88 11.44
N SER A 6 9.39 -3.03 11.00
CA SER A 6 9.10 -3.32 9.59
C SER A 6 7.81 -2.69 9.08
N GLY A 7 6.92 -2.22 9.97
CA GLY A 7 5.61 -1.66 9.61
C GLY A 7 4.73 -2.68 8.88
N LYS A 8 4.35 -2.35 7.64
CA LYS A 8 3.67 -3.27 6.71
C LYS A 8 4.49 -3.45 5.40
N PRO A 9 4.56 -4.67 4.83
CA PRO A 9 5.45 -5.03 3.73
C PRO A 9 5.14 -4.35 2.39
N PHE A 10 3.86 -4.21 2.03
CA PHE A 10 3.44 -3.71 0.72
C PHE A 10 2.91 -2.29 0.84
N LYS A 11 3.85 -1.36 0.68
CA LYS A 11 3.67 0.09 0.71
C LYS A 11 3.40 0.61 -0.71
N CYS A 12 2.26 1.26 -0.88
CA CYS A 12 1.80 1.94 -2.10
C CYS A 12 2.85 2.91 -2.69
N SER A 13 2.92 2.96 -4.02
CA SER A 13 3.85 3.81 -4.78
C SER A 13 3.41 5.28 -4.84
N LEU A 14 2.19 5.60 -4.40
CA LEU A 14 1.54 6.90 -4.60
C LEU A 14 1.12 7.57 -3.28
N CYS A 15 0.61 6.78 -2.34
CA CYS A 15 0.13 7.23 -1.04
C CYS A 15 0.77 6.50 0.15
N GLU A 16 0.35 6.84 1.36
CA GLU A 16 0.84 6.29 2.61
C GLU A 16 0.17 4.97 3.03
N TYR A 17 -0.63 4.38 2.14
CA TYR A 17 -1.20 3.04 2.33
C TYR A 17 -0.13 1.95 2.40
N ALA A 18 -0.28 1.02 3.35
CA ALA A 18 0.52 -0.19 3.40
C ALA A 18 -0.23 -1.38 4.03
N THR A 19 -0.01 -2.58 3.48
CA THR A 19 -0.74 -3.81 3.82
C THR A 19 0.18 -5.02 3.93
N ARG A 20 -0.31 -6.11 4.56
CA ARG A 20 0.40 -7.38 4.82
C ARG A 20 0.26 -8.44 3.72
N SER A 21 -0.44 -8.14 2.63
CA SER A 21 -0.55 -9.01 1.45
C SER A 21 -0.41 -8.23 0.14
N LYS A 22 0.38 -8.78 -0.80
CA LYS A 22 0.56 -8.19 -2.14
C LYS A 22 -0.74 -8.12 -2.94
N SER A 23 -1.67 -9.06 -2.68
CA SER A 23 -3.01 -9.09 -3.28
C SER A 23 -3.92 -7.97 -2.75
N ASN A 24 -3.76 -7.56 -1.50
CA ASN A 24 -4.46 -6.40 -0.92
C ASN A 24 -3.94 -5.11 -1.56
N LEU A 25 -2.62 -4.92 -1.65
CA LEU A 25 -2.04 -3.74 -2.30
C LEU A 25 -2.46 -3.66 -3.77
N LYS A 26 -2.38 -4.77 -4.51
CA LYS A 26 -2.84 -4.86 -5.91
C LYS A 26 -4.27 -4.36 -6.10
N ALA A 27 -5.15 -4.63 -5.13
CA ALA A 27 -6.53 -4.15 -5.15
C ALA A 27 -6.62 -2.64 -4.84
N HIS A 28 -5.81 -2.16 -3.89
CA HIS A 28 -5.68 -0.74 -3.56
C HIS A 28 -5.13 0.09 -4.75
N MET A 29 -4.14 -0.41 -5.49
CA MET A 29 -3.58 0.28 -6.66
C MET A 29 -4.61 0.48 -7.78
N ASN A 30 -5.57 -0.44 -7.92
CA ASN A 30 -6.70 -0.29 -8.84
C ASN A 30 -7.71 0.79 -8.40
N ARG A 31 -7.71 1.22 -7.13
CA ARG A 31 -8.50 2.39 -6.66
C ARG A 31 -7.89 3.73 -7.08
N HIS A 32 -6.56 3.78 -7.26
CA HIS A 32 -5.89 4.94 -7.83
C HIS A 32 -6.12 5.08 -9.36
N SER A 33 -6.43 3.98 -10.05
CA SER A 33 -6.64 3.90 -11.51
C SER A 33 -7.95 4.51 -12.04
N THR A 34 -8.75 5.16 -11.20
CA THR A 34 -10.01 5.84 -11.57
C THR A 34 -9.80 7.02 -12.52
N GLU A 35 -10.79 7.29 -13.39
CA GLU A 35 -10.82 8.50 -14.23
C GLU A 35 -11.06 9.76 -13.38
N LYS A 36 -10.46 10.91 -13.78
CA LYS A 36 -10.39 12.15 -12.98
C LYS A 36 -10.73 13.39 -13.80
ZN ZN B . -2.19 4.28 -2.54
N GLY A 1 19.15 7.63 6.99
CA GLY A 1 18.04 7.60 6.01
C GLY A 1 17.40 6.23 5.94
N SER A 2 16.08 6.18 5.71
CA SER A 2 15.26 4.95 5.68
C SER A 2 14.27 4.96 4.51
N SER A 3 13.83 3.77 4.08
CA SER A 3 12.79 3.58 3.06
C SER A 3 11.37 3.88 3.59
N GLY A 4 10.41 4.10 2.69
CA GLY A 4 9.02 4.44 3.03
C GLY A 4 8.15 3.27 3.53
N SER A 5 8.65 2.03 3.48
CA SER A 5 7.93 0.80 3.84
C SER A 5 7.96 0.50 5.35
N SER A 6 7.70 1.51 6.18
CA SER A 6 7.87 1.47 7.64
C SER A 6 6.91 0.48 8.32
N GLY A 7 7.41 -0.69 8.73
CA GLY A 7 6.69 -1.71 9.49
C GLY A 7 5.71 -2.60 8.70
N LYS A 8 5.50 -2.34 7.40
CA LYS A 8 4.56 -3.08 6.52
C LYS A 8 5.23 -3.48 5.20
N PRO A 9 4.99 -4.71 4.68
CA PRO A 9 5.69 -5.23 3.49
C PRO A 9 5.26 -4.59 2.16
N PHE A 10 3.96 -4.27 1.99
CA PHE A 10 3.41 -3.73 0.74
C PHE A 10 2.86 -2.33 0.97
N LYS A 11 3.75 -1.35 0.78
CA LYS A 11 3.49 0.09 0.78
C LYS A 11 3.26 0.57 -0.66
N CYS A 12 2.12 1.24 -0.84
CA CYS A 12 1.72 1.95 -2.06
C CYS A 12 2.81 2.92 -2.58
N SER A 13 2.92 3.00 -3.91
CA SER A 13 3.89 3.86 -4.59
C SER A 13 3.47 5.33 -4.66
N LEU A 14 2.24 5.64 -4.25
CA LEU A 14 1.59 6.94 -4.45
C LEU A 14 1.15 7.61 -3.15
N CYS A 15 0.63 6.82 -2.22
CA CYS A 15 0.12 7.26 -0.91
C CYS A 15 0.69 6.48 0.28
N GLU A 16 0.24 6.86 1.48
CA GLU A 16 0.64 6.26 2.76
C GLU A 16 -0.11 4.95 3.09
N TYR A 17 -0.85 4.39 2.15
CA TYR A 17 -1.45 3.06 2.27
C TYR A 17 -0.39 1.96 2.34
N ALA A 18 -0.54 1.04 3.29
CA ALA A 18 0.25 -0.18 3.34
C ALA A 18 -0.54 -1.35 3.94
N THR A 19 -0.16 -2.57 3.53
CA THR A 19 -0.84 -3.83 3.89
C THR A 19 0.14 -5.00 4.00
N ARG A 20 -0.33 -6.10 4.60
CA ARG A 20 0.45 -7.34 4.86
C ARG A 20 0.41 -8.39 3.76
N SER A 21 -0.43 -8.21 2.74
CA SER A 21 -0.55 -9.10 1.57
C SER A 21 -0.50 -8.34 0.24
N LYS A 22 0.26 -8.85 -0.74
CA LYS A 22 0.42 -8.21 -2.06
C LYS A 22 -0.91 -8.12 -2.81
N SER A 23 -1.80 -9.08 -2.62
CA SER A 23 -3.16 -9.11 -3.21
C SER A 23 -4.07 -8.00 -2.67
N ASN A 24 -3.85 -7.54 -1.43
CA ASN A 24 -4.56 -6.38 -0.88
C ASN A 24 -4.06 -5.08 -1.52
N LEU A 25 -2.73 -4.90 -1.61
CA LEU A 25 -2.15 -3.71 -2.24
C LEU A 25 -2.53 -3.62 -3.72
N LYS A 26 -2.43 -4.72 -4.46
CA LYS A 26 -2.88 -4.85 -5.86
C LYS A 26 -4.28 -4.27 -6.08
N ALA A 27 -5.19 -4.58 -5.16
CA ALA A 27 -6.58 -4.10 -5.18
C ALA A 27 -6.68 -2.60 -4.86
N HIS A 28 -5.87 -2.09 -3.94
CA HIS A 28 -5.74 -0.66 -3.65
C HIS A 28 -5.16 0.14 -4.83
N MET A 29 -4.15 -0.38 -5.54
CA MET A 29 -3.56 0.28 -6.72
C MET A 29 -4.54 0.41 -7.88
N ASN A 30 -5.54 -0.49 -7.97
CA ASN A 30 -6.64 -0.37 -8.92
C ASN A 30 -7.61 0.79 -8.58
N ARG A 31 -7.67 1.24 -7.31
CA ARG A 31 -8.45 2.44 -6.91
C ARG A 31 -7.79 3.73 -7.38
N HIS A 32 -6.45 3.79 -7.40
CA HIS A 32 -5.69 4.87 -8.04
C HIS A 32 -5.81 4.85 -9.59
N SER A 33 -6.03 3.65 -10.17
CA SER A 33 -6.16 3.43 -11.62
C SER A 33 -7.57 3.67 -12.19
N THR A 34 -8.55 4.02 -11.35
CA THR A 34 -9.96 4.22 -11.71
C THR A 34 -10.53 5.54 -11.17
N GLU A 35 -11.69 5.95 -11.67
CA GLU A 35 -12.38 7.22 -11.30
C GLU A 35 -13.85 6.98 -10.93
N LYS A 36 -14.41 7.93 -10.16
CA LYS A 36 -15.76 7.87 -9.57
C LYS A 36 -16.86 8.20 -10.59
ZN ZN B . -2.23 4.36 -2.59
N GLY A 1 13.14 10.40 16.58
CA GLY A 1 12.64 9.43 15.58
C GLY A 1 13.41 8.13 15.58
N SER A 2 13.12 7.24 14.63
CA SER A 2 13.80 5.94 14.46
C SER A 2 13.86 5.49 12.99
N SER A 3 12.70 5.32 12.35
CA SER A 3 12.56 4.76 10.99
C SER A 3 13.21 3.38 10.78
N GLY A 4 13.42 2.61 11.85
CA GLY A 4 14.10 1.30 11.83
C GLY A 4 13.29 0.16 11.18
N SER A 5 11.99 0.36 10.93
CA SER A 5 11.10 -0.58 10.23
C SER A 5 10.01 0.17 9.46
N SER A 6 9.55 -0.41 8.34
CA SER A 6 8.38 0.03 7.56
C SER A 6 7.04 -0.44 8.15
N GLY A 7 7.05 -1.40 9.08
CA GLY A 7 5.87 -1.97 9.75
C GLY A 7 5.02 -2.91 8.88
N LYS A 8 4.83 -2.58 7.60
CA LYS A 8 4.09 -3.36 6.59
C LYS A 8 4.94 -3.60 5.33
N PRO A 9 4.87 -4.80 4.70
CA PRO A 9 5.68 -5.17 3.54
C PRO A 9 5.28 -4.46 2.24
N PHE A 10 3.99 -4.22 2.00
CA PHE A 10 3.48 -3.68 0.73
C PHE A 10 2.93 -2.28 0.93
N LYS A 11 3.83 -1.31 0.74
CA LYS A 11 3.60 0.14 0.73
C LYS A 11 3.31 0.60 -0.71
N CYS A 12 2.19 1.28 -0.87
CA CYS A 12 1.74 1.99 -2.07
C CYS A 12 2.82 2.97 -2.61
N SER A 13 2.91 3.06 -3.94
CA SER A 13 3.86 3.93 -4.64
C SER A 13 3.41 5.40 -4.71
N LEU A 14 2.17 5.70 -4.30
CA LEU A 14 1.50 6.99 -4.51
C LEU A 14 1.07 7.66 -3.20
N CYS A 15 0.56 6.85 -2.26
CA CYS A 15 0.07 7.29 -0.96
C CYS A 15 0.68 6.51 0.22
N GLU A 16 0.28 6.86 1.44
CA GLU A 16 0.78 6.25 2.69
C GLU A 16 0.08 4.94 3.07
N TYR A 17 -0.74 4.38 2.16
CA TYR A 17 -1.33 3.06 2.33
C TYR A 17 -0.27 1.95 2.37
N ALA A 18 -0.41 1.03 3.31
CA ALA A 18 0.37 -0.20 3.34
C ALA A 18 -0.40 -1.39 3.94
N THR A 19 -0.05 -2.60 3.51
CA THR A 19 -0.72 -3.86 3.87
C THR A 19 0.26 -5.04 3.97
N ARG A 20 -0.19 -6.14 4.60
CA ARG A 20 0.57 -7.38 4.83
C ARG A 20 0.44 -8.43 3.72
N SER A 21 -0.43 -8.22 2.73
CA SER A 21 -0.63 -9.12 1.58
C SER A 21 -0.57 -8.37 0.25
N LYS A 22 0.21 -8.87 -0.71
CA LYS A 22 0.41 -8.21 -2.03
C LYS A 22 -0.90 -8.08 -2.81
N SER A 23 -1.82 -9.05 -2.64
CA SER A 23 -3.17 -9.04 -3.21
C SER A 23 -4.04 -7.89 -2.72
N ASN A 24 -3.89 -7.46 -1.45
CA ASN A 24 -4.58 -6.30 -0.89
C ASN A 24 -4.04 -5.01 -1.52
N LEU A 25 -2.71 -4.86 -1.61
CA LEU A 25 -2.12 -3.68 -2.26
C LEU A 25 -2.51 -3.60 -3.74
N LYS A 26 -2.41 -4.71 -4.47
CA LYS A 26 -2.86 -4.81 -5.87
C LYS A 26 -4.29 -4.30 -6.07
N ALA A 27 -5.19 -4.57 -5.12
CA ALA A 27 -6.57 -4.09 -5.15
C ALA A 27 -6.67 -2.58 -4.85
N HIS A 28 -5.84 -2.08 -3.92
CA HIS A 28 -5.72 -0.65 -3.62
C HIS A 28 -5.15 0.15 -4.80
N MET A 29 -4.14 -0.37 -5.52
CA MET A 29 -3.57 0.29 -6.70
C MET A 29 -4.57 0.38 -7.87
N ASN A 30 -5.54 -0.53 -7.94
CA ASN A 30 -6.66 -0.45 -8.88
C ASN A 30 -7.66 0.68 -8.54
N ARG A 31 -7.70 1.17 -7.29
CA ARG A 31 -8.49 2.36 -6.91
C ARG A 31 -7.82 3.67 -7.38
N HIS A 32 -6.49 3.71 -7.42
CA HIS A 32 -5.73 4.83 -8.00
C HIS A 32 -5.81 4.85 -9.55
N SER A 33 -6.10 3.71 -10.18
CA SER A 33 -6.15 3.53 -11.65
C SER A 33 -7.43 4.12 -12.28
N THR A 34 -7.56 5.45 -12.15
CA THR A 34 -8.72 6.25 -12.58
C THR A 34 -8.33 7.68 -12.97
N GLU A 35 -7.25 8.24 -12.37
CA GLU A 35 -6.73 9.59 -12.66
C GLU A 35 -5.78 9.64 -13.88
N LYS A 36 -5.51 8.47 -14.48
CA LYS A 36 -4.62 8.24 -15.63
C LYS A 36 -5.34 7.52 -16.77
ZN ZN B . -2.24 4.35 -2.52
N GLY A 1 19.16 2.38 0.54
CA GLY A 1 20.28 2.70 1.45
C GLY A 1 19.75 3.24 2.77
N SER A 2 20.19 2.68 3.90
CA SER A 2 19.66 2.96 5.26
C SER A 2 18.13 2.80 5.36
N SER A 3 17.59 1.81 4.63
CA SER A 3 16.15 1.62 4.40
C SER A 3 15.36 1.11 5.62
N GLY A 4 16.04 0.49 6.59
CA GLY A 4 15.43 -0.11 7.79
C GLY A 4 14.64 -1.41 7.53
N SER A 5 14.05 -1.95 8.60
CA SER A 5 13.32 -3.23 8.61
C SER A 5 11.90 -3.16 9.20
N SER A 6 11.45 -1.98 9.66
CA SER A 6 10.13 -1.75 10.28
C SER A 6 9.03 -1.46 9.25
N GLY A 7 7.78 -1.46 9.71
CA GLY A 7 6.58 -1.21 8.89
C GLY A 7 6.09 -2.40 8.07
N LYS A 8 5.05 -2.17 7.25
CA LYS A 8 4.37 -3.18 6.42
C LYS A 8 5.17 -3.51 5.13
N PRO A 9 5.05 -4.74 4.60
CA PRO A 9 5.78 -5.21 3.41
C PRO A 9 5.35 -4.54 2.10
N PHE A 10 4.05 -4.27 1.92
CA PHE A 10 3.48 -3.71 0.69
C PHE A 10 2.91 -2.32 0.95
N LYS A 11 3.79 -1.34 0.76
CA LYS A 11 3.54 0.10 0.87
C LYS A 11 3.29 0.67 -0.53
N CYS A 12 2.12 1.27 -0.73
CA CYS A 12 1.68 1.96 -1.94
C CYS A 12 2.74 2.96 -2.46
N SER A 13 3.02 2.90 -3.77
CA SER A 13 3.99 3.80 -4.43
C SER A 13 3.44 5.23 -4.65
N LEU A 14 2.19 5.48 -4.26
CA LEU A 14 1.43 6.70 -4.57
C LEU A 14 0.98 7.45 -3.32
N CYS A 15 0.58 6.70 -2.28
CA CYS A 15 0.07 7.22 -1.00
C CYS A 15 0.66 6.51 0.23
N GLU A 16 0.16 6.85 1.41
CA GLU A 16 0.60 6.31 2.71
C GLU A 16 -0.11 4.99 3.10
N TYR A 17 -0.88 4.40 2.18
CA TYR A 17 -1.44 3.07 2.37
C TYR A 17 -0.36 1.97 2.43
N ALA A 18 -0.55 1.00 3.32
CA ALA A 18 0.26 -0.22 3.34
C ALA A 18 -0.52 -1.43 3.90
N THR A 19 -0.10 -2.63 3.49
CA THR A 19 -0.73 -3.91 3.86
C THR A 19 0.31 -5.03 3.99
N ARG A 20 -0.09 -6.12 4.70
CA ARG A 20 0.68 -7.37 4.85
C ARG A 20 0.54 -8.33 3.67
N SER A 21 -0.40 -8.09 2.74
CA SER A 21 -0.70 -8.98 1.61
C SER A 21 -0.66 -8.26 0.26
N LYS A 22 0.15 -8.76 -0.68
CA LYS A 22 0.33 -8.19 -2.04
C LYS A 22 -0.99 -8.12 -2.81
N SER A 23 -1.86 -9.11 -2.62
CA SER A 23 -3.22 -9.17 -3.18
C SER A 23 -4.11 -7.98 -2.78
N ASN A 24 -3.90 -7.44 -1.57
CA ASN A 24 -4.67 -6.31 -1.04
C ASN A 24 -4.08 -4.98 -1.54
N LEU A 25 -2.75 -4.86 -1.62
CA LEU A 25 -2.14 -3.67 -2.25
C LEU A 25 -2.50 -3.58 -3.73
N LYS A 26 -2.42 -4.68 -4.48
CA LYS A 26 -2.86 -4.77 -5.88
C LYS A 26 -4.28 -4.21 -6.07
N ALA A 27 -5.18 -4.56 -5.14
CA ALA A 27 -6.58 -4.10 -5.15
C ALA A 27 -6.70 -2.61 -4.81
N HIS A 28 -5.87 -2.10 -3.90
CA HIS A 28 -5.76 -0.67 -3.58
C HIS A 28 -5.16 0.16 -4.74
N MET A 29 -4.16 -0.37 -5.44
CA MET A 29 -3.51 0.27 -6.60
C MET A 29 -4.50 0.43 -7.77
N ASN A 30 -5.45 -0.49 -7.93
CA ASN A 30 -6.53 -0.38 -8.91
C ASN A 30 -7.46 0.83 -8.62
N ARG A 31 -7.66 1.22 -7.35
CA ARG A 31 -8.45 2.41 -6.96
C ARG A 31 -7.79 3.72 -7.39
N HIS A 32 -6.45 3.76 -7.41
CA HIS A 32 -5.68 4.87 -7.99
C HIS A 32 -5.71 4.85 -9.53
N SER A 33 -5.74 3.65 -10.15
CA SER A 33 -5.64 3.45 -11.60
C SER A 33 -6.93 3.78 -12.36
N THR A 34 -8.11 3.47 -11.81
CA THR A 34 -9.42 3.71 -12.47
C THR A 34 -9.79 5.20 -12.53
N GLU A 35 -10.54 5.58 -13.57
CA GLU A 35 -10.98 6.96 -13.84
C GLU A 35 -12.42 7.27 -13.36
N LYS A 36 -13.04 6.34 -12.64
CA LYS A 36 -14.43 6.40 -12.15
C LYS A 36 -14.63 7.42 -11.01
ZN ZN B . -2.34 4.28 -2.42
N GLY A 1 12.35 1.13 10.64
CA GLY A 1 12.12 2.59 10.81
C GLY A 1 11.09 2.86 11.90
N SER A 2 11.34 3.84 12.76
CA SER A 2 10.51 4.20 13.92
C SER A 2 9.45 5.29 13.63
N SER A 3 9.40 5.82 12.41
CA SER A 3 8.56 6.97 11.99
C SER A 3 7.07 6.65 11.76
N GLY A 4 6.53 5.63 12.45
CA GLY A 4 5.14 5.18 12.33
C GLY A 4 4.81 3.97 13.21
N SER A 5 3.63 3.38 13.00
CA SER A 5 3.10 2.21 13.73
C SER A 5 3.73 0.88 13.28
N SER A 6 5.06 0.79 13.36
CA SER A 6 5.92 -0.27 12.80
C SER A 6 5.84 -0.40 11.26
N GLY A 7 6.77 -1.15 10.67
CA GLY A 7 6.85 -1.38 9.21
C GLY A 7 5.80 -2.35 8.67
N LYS A 8 5.52 -2.23 7.36
CA LYS A 8 4.61 -3.09 6.57
C LYS A 8 5.29 -3.50 5.25
N PRO A 9 5.05 -4.71 4.72
CA PRO A 9 5.77 -5.23 3.56
C PRO A 9 5.34 -4.59 2.23
N PHE A 10 4.05 -4.27 2.06
CA PHE A 10 3.50 -3.71 0.82
C PHE A 10 2.93 -2.32 1.06
N LYS A 11 3.80 -1.33 0.89
CA LYS A 11 3.54 0.11 0.86
C LYS A 11 3.25 0.54 -0.58
N CYS A 12 2.11 1.20 -0.77
CA CYS A 12 1.69 1.90 -1.98
C CYS A 12 2.78 2.87 -2.47
N SER A 13 3.01 2.89 -3.78
CA SER A 13 3.98 3.79 -4.43
C SER A 13 3.45 5.20 -4.66
N LEU A 14 2.17 5.45 -4.32
CA LEU A 14 1.42 6.66 -4.65
C LEU A 14 0.97 7.43 -3.40
N CYS A 15 0.59 6.68 -2.36
CA CYS A 15 0.12 7.20 -1.07
C CYS A 15 0.71 6.47 0.14
N GLU A 16 0.26 6.84 1.35
CA GLU A 16 0.72 6.27 2.62
C GLU A 16 -0.01 4.98 3.03
N TYR A 17 -0.82 4.41 2.13
CA TYR A 17 -1.43 3.10 2.32
C TYR A 17 -0.39 1.98 2.39
N ALA A 18 -0.57 1.03 3.32
CA ALA A 18 0.20 -0.20 3.36
C ALA A 18 -0.60 -1.39 3.92
N THR A 19 -0.20 -2.60 3.51
CA THR A 19 -0.83 -3.87 3.88
C THR A 19 0.21 -5.00 4.06
N ARG A 20 -0.20 -6.08 4.73
CA ARG A 20 0.56 -7.32 4.90
C ARG A 20 0.41 -8.32 3.74
N SER A 21 -0.48 -8.06 2.78
CA SER A 21 -0.78 -8.97 1.65
C SER A 21 -0.71 -8.25 0.29
N LYS A 22 0.15 -8.72 -0.61
CA LYS A 22 0.38 -8.11 -1.94
C LYS A 22 -0.86 -8.04 -2.82
N SER A 23 -1.73 -9.06 -2.73
CA SER A 23 -3.02 -9.10 -3.44
C SER A 23 -4.02 -8.04 -2.95
N ASN A 24 -3.87 -7.56 -1.72
CA ASN A 24 -4.68 -6.47 -1.16
C ASN A 24 -4.12 -5.10 -1.59
N LEU A 25 -2.79 -4.92 -1.65
CA LEU A 25 -2.19 -3.72 -2.23
C LEU A 25 -2.53 -3.59 -3.72
N LYS A 26 -2.42 -4.68 -4.48
CA LYS A 26 -2.83 -4.77 -5.89
C LYS A 26 -4.24 -4.22 -6.11
N ALA A 27 -5.16 -4.57 -5.22
CA ALA A 27 -6.55 -4.10 -5.24
C ALA A 27 -6.66 -2.60 -4.91
N HIS A 28 -5.88 -2.11 -3.95
CA HIS A 28 -5.76 -0.69 -3.63
C HIS A 28 -5.14 0.14 -4.77
N MET A 29 -4.15 -0.40 -5.48
CA MET A 29 -3.48 0.24 -6.62
C MET A 29 -4.42 0.42 -7.82
N ASN A 30 -5.46 -0.42 -7.94
CA ASN A 30 -6.53 -0.26 -8.94
C ASN A 30 -7.50 0.88 -8.59
N ARG A 31 -7.69 1.22 -7.29
CA ARG A 31 -8.51 2.37 -6.86
C ARG A 31 -7.92 3.71 -7.29
N HIS A 32 -6.58 3.79 -7.35
CA HIS A 32 -5.85 4.95 -7.87
C HIS A 32 -6.04 5.20 -9.39
N SER A 33 -6.70 4.30 -10.13
CA SER A 33 -7.03 4.47 -11.55
C SER A 33 -8.18 5.48 -11.80
N THR A 34 -8.83 5.97 -10.74
CA THR A 34 -9.89 7.00 -10.78
C THR A 34 -9.74 8.02 -9.63
N GLU A 35 -10.50 9.12 -9.68
CA GLU A 35 -10.46 10.23 -8.72
C GLU A 35 -9.03 10.80 -8.51
N LYS A 36 -8.29 10.96 -9.62
CA LYS A 36 -6.88 11.34 -9.69
C LYS A 36 -6.63 12.48 -10.70
ZN ZN B . -2.31 4.24 -2.49
N GLY A 1 4.52 -6.44 27.10
CA GLY A 1 5.11 -6.43 25.74
C GLY A 1 5.50 -5.03 25.28
N SER A 2 6.38 -4.94 24.28
CA SER A 2 6.90 -3.67 23.73
C SER A 2 5.98 -3.01 22.67
N SER A 3 5.03 -3.78 22.11
CA SER A 3 4.21 -3.41 20.94
C SER A 3 5.01 -3.06 19.66
N GLY A 4 6.29 -3.46 19.59
CA GLY A 4 7.14 -3.30 18.40
C GLY A 4 6.82 -4.29 17.29
N SER A 5 7.15 -3.93 16.04
CA SER A 5 6.99 -4.77 14.84
C SER A 5 7.99 -4.43 13.73
N SER A 6 8.05 -5.27 12.70
CA SER A 6 8.83 -5.03 11.46
C SER A 6 8.11 -4.10 10.45
N GLY A 7 6.97 -3.50 10.82
CA GLY A 7 6.14 -2.69 9.93
C GLY A 7 5.37 -3.51 8.89
N LYS A 8 5.07 -2.91 7.73
CA LYS A 8 4.32 -3.52 6.63
C LYS A 8 5.15 -3.71 5.34
N PRO A 9 4.99 -4.84 4.63
CA PRO A 9 5.75 -5.19 3.43
C PRO A 9 5.35 -4.41 2.17
N PHE A 10 4.04 -4.21 1.93
CA PHE A 10 3.51 -3.65 0.69
C PHE A 10 2.93 -2.27 0.94
N LYS A 11 3.80 -1.28 0.77
CA LYS A 11 3.56 0.16 0.86
C LYS A 11 3.31 0.70 -0.55
N CYS A 12 2.15 1.31 -0.75
CA CYS A 12 1.70 1.98 -1.97
C CYS A 12 2.75 2.98 -2.51
N SER A 13 3.02 2.92 -3.82
CA SER A 13 3.97 3.81 -4.50
C SER A 13 3.43 5.24 -4.71
N LEU A 14 2.18 5.50 -4.31
CA LEU A 14 1.42 6.72 -4.62
C LEU A 14 0.98 7.47 -3.36
N CYS A 15 0.58 6.72 -2.33
CA CYS A 15 0.09 7.23 -1.04
C CYS A 15 0.67 6.53 0.19
N GLU A 16 0.18 6.88 1.38
CA GLU A 16 0.62 6.34 2.68
C GLU A 16 -0.08 5.03 3.07
N TYR A 17 -0.85 4.43 2.15
CA TYR A 17 -1.41 3.09 2.34
C TYR A 17 -0.33 2.01 2.41
N ALA A 18 -0.51 1.05 3.31
CA ALA A 18 0.29 -0.17 3.34
C ALA A 18 -0.50 -1.36 3.90
N THR A 19 -0.11 -2.57 3.48
CA THR A 19 -0.77 -3.84 3.84
C THR A 19 0.25 -4.99 3.98
N ARG A 20 -0.15 -6.07 4.67
CA ARG A 20 0.62 -7.30 4.89
C ARG A 20 0.56 -8.31 3.73
N SER A 21 -0.33 -8.12 2.75
CA SER A 21 -0.53 -9.04 1.61
C SER A 21 -0.55 -8.31 0.27
N LYS A 22 0.23 -8.79 -0.72
CA LYS A 22 0.37 -8.13 -2.03
C LYS A 22 -0.94 -8.07 -2.83
N SER A 23 -1.84 -9.03 -2.61
CA SER A 23 -3.19 -9.07 -3.17
C SER A 23 -4.08 -7.90 -2.71
N ASN A 24 -3.92 -7.45 -1.46
CA ASN A 24 -4.61 -6.27 -0.92
C ASN A 24 -4.06 -4.99 -1.56
N LEU A 25 -2.74 -4.83 -1.66
CA LEU A 25 -2.14 -3.66 -2.29
C LEU A 25 -2.50 -3.59 -3.77
N LYS A 26 -2.45 -4.71 -4.49
CA LYS A 26 -2.88 -4.81 -5.90
C LYS A 26 -4.30 -4.30 -6.10
N ALA A 27 -5.21 -4.56 -5.16
CA ALA A 27 -6.59 -4.07 -5.20
C ALA A 27 -6.67 -2.57 -4.90
N HIS A 28 -5.86 -2.08 -3.95
CA HIS A 28 -5.74 -0.66 -3.63
C HIS A 28 -5.13 0.17 -4.79
N MET A 29 -4.15 -0.38 -5.51
CA MET A 29 -3.51 0.24 -6.68
C MET A 29 -4.50 0.38 -7.85
N ASN A 30 -5.51 -0.49 -7.95
CA ASN A 30 -6.60 -0.35 -8.91
C ASN A 30 -7.57 0.81 -8.57
N ARG A 31 -7.72 1.19 -7.29
CA ARG A 31 -8.50 2.39 -6.88
C ARG A 31 -7.85 3.69 -7.34
N HIS A 32 -6.51 3.71 -7.42
CA HIS A 32 -5.74 4.84 -7.99
C HIS A 32 -5.81 4.93 -9.53
N SER A 33 -6.38 3.94 -10.22
CA SER A 33 -6.38 3.83 -11.70
C SER A 33 -7.47 4.65 -12.41
N THR A 34 -8.16 5.55 -11.68
CA THR A 34 -9.15 6.49 -12.23
C THR A 34 -8.52 7.60 -13.08
N GLU A 35 -9.30 8.19 -13.99
CA GLU A 35 -8.88 9.26 -14.91
C GLU A 35 -10.01 10.28 -15.18
N LYS A 36 -9.64 11.45 -15.73
CA LYS A 36 -10.54 12.57 -16.07
C LYS A 36 -10.52 12.89 -17.57
ZN ZN B . -2.32 4.28 -2.45
N GLY A 1 8.96 -1.01 29.22
CA GLY A 1 7.62 -1.18 28.60
C GLY A 1 7.64 -2.17 27.44
N SER A 2 6.48 -2.77 27.14
CA SER A 2 6.32 -3.79 26.07
C SER A 2 6.10 -3.21 24.66
N SER A 3 5.79 -1.92 24.54
CA SER A 3 5.58 -1.22 23.27
C SER A 3 6.84 -1.10 22.41
N GLY A 4 6.67 -1.00 21.08
CA GLY A 4 7.77 -0.85 20.10
C GLY A 4 7.28 -0.54 18.69
N SER A 5 8.22 -0.26 17.78
CA SER A 5 7.95 0.13 16.38
C SER A 5 7.37 -1.02 15.54
N SER A 6 6.58 -0.67 14.51
CA SER A 6 5.94 -1.60 13.57
C SER A 6 5.81 -1.01 12.15
N GLY A 7 5.51 -1.87 11.18
CA GLY A 7 5.33 -1.51 9.76
C GLY A 7 4.79 -2.66 8.90
N LYS A 8 4.42 -2.36 7.65
CA LYS A 8 3.82 -3.31 6.70
C LYS A 8 4.73 -3.54 5.46
N PRO A 9 4.70 -4.75 4.84
CA PRO A 9 5.55 -5.14 3.71
C PRO A 9 5.22 -4.42 2.40
N PHE A 10 3.94 -4.23 2.06
CA PHE A 10 3.52 -3.68 0.77
C PHE A 10 2.98 -2.26 0.95
N LYS A 11 3.91 -1.33 0.79
CA LYS A 11 3.72 0.13 0.84
C LYS A 11 3.43 0.64 -0.58
N CYS A 12 2.27 1.27 -0.75
CA CYS A 12 1.81 1.93 -1.97
C CYS A 12 2.86 2.91 -2.54
N SER A 13 3.05 2.88 -3.86
CA SER A 13 3.98 3.77 -4.58
C SER A 13 3.43 5.18 -4.81
N LEU A 14 2.16 5.43 -4.42
CA LEU A 14 1.41 6.64 -4.73
C LEU A 14 1.01 7.41 -3.46
N CYS A 15 0.64 6.67 -2.41
CA CYS A 15 0.20 7.20 -1.12
C CYS A 15 0.86 6.49 0.09
N GLU A 16 0.41 6.85 1.30
CA GLU A 16 0.91 6.32 2.57
C GLU A 16 0.24 5.02 3.01
N TYR A 17 -0.59 4.42 2.15
CA TYR A 17 -1.19 3.10 2.38
C TYR A 17 -0.14 1.98 2.45
N ALA A 18 -0.32 1.05 3.39
CA ALA A 18 0.48 -0.17 3.44
C ALA A 18 -0.27 -1.36 4.05
N THR A 19 -0.01 -2.56 3.52
CA THR A 19 -0.73 -3.80 3.85
C THR A 19 0.20 -5.01 3.97
N ARG A 20 -0.27 -6.07 4.64
CA ARG A 20 0.40 -7.38 4.79
C ARG A 20 0.26 -8.30 3.57
N SER A 21 -0.65 -8.00 2.64
CA SER A 21 -0.91 -8.82 1.44
C SER A 21 -0.62 -8.06 0.14
N LYS A 22 0.18 -8.67 -0.74
CA LYS A 22 0.53 -8.10 -2.06
C LYS A 22 -0.70 -7.99 -2.98
N SER A 23 -1.61 -8.96 -2.89
CA SER A 23 -2.90 -8.94 -3.59
C SER A 23 -3.85 -7.87 -3.06
N ASN A 24 -3.77 -7.54 -1.77
CA ASN A 24 -4.54 -6.44 -1.17
C ASN A 24 -4.01 -5.06 -1.60
N LEU A 25 -2.68 -4.86 -1.65
CA LEU A 25 -2.11 -3.65 -2.25
C LEU A 25 -2.49 -3.53 -3.73
N LYS A 26 -2.40 -4.63 -4.48
CA LYS A 26 -2.79 -4.68 -5.90
C LYS A 26 -4.23 -4.21 -6.12
N ALA A 27 -5.14 -4.53 -5.20
CA ALA A 27 -6.52 -4.06 -5.24
C ALA A 27 -6.63 -2.55 -4.92
N HIS A 28 -5.84 -2.08 -3.95
CA HIS A 28 -5.73 -0.65 -3.62
C HIS A 28 -5.11 0.18 -4.76
N MET A 29 -4.15 -0.38 -5.49
CA MET A 29 -3.54 0.24 -6.67
C MET A 29 -4.57 0.38 -7.82
N ASN A 30 -5.53 -0.54 -7.92
CA ASN A 30 -6.67 -0.43 -8.84
C ASN A 30 -7.72 0.61 -8.39
N ARG A 31 -7.79 0.97 -7.09
CA ARG A 31 -8.61 2.11 -6.62
C ARG A 31 -8.01 3.45 -7.09
N HIS A 32 -6.68 3.59 -7.07
CA HIS A 32 -6.01 4.76 -7.64
C HIS A 32 -6.28 4.91 -9.16
N SER A 33 -6.46 3.80 -9.89
CA SER A 33 -6.80 3.79 -11.32
C SER A 33 -8.21 4.30 -11.66
N THR A 34 -9.07 4.59 -10.67
CA THR A 34 -10.43 5.14 -10.90
C THR A 34 -10.45 6.61 -11.32
N GLU A 35 -9.36 7.35 -11.12
CA GLU A 35 -9.18 8.75 -11.55
C GLU A 35 -7.75 8.98 -12.07
N LYS A 36 -7.62 9.14 -13.40
CA LYS A 36 -6.35 9.27 -14.13
C LYS A 36 -6.43 10.39 -15.19
ZN ZN B . -2.23 4.22 -2.42
N GLY A 1 21.79 6.47 5.52
CA GLY A 1 20.93 7.64 5.25
C GLY A 1 19.45 7.34 5.45
N SER A 2 18.59 8.27 5.03
CA SER A 2 17.11 8.24 5.19
C SER A 2 16.61 8.21 6.65
N SER A 3 15.30 8.38 6.84
CA SER A 3 14.62 8.41 8.14
C SER A 3 13.21 7.79 8.09
N GLY A 4 12.73 7.28 9.23
CA GLY A 4 11.43 6.58 9.35
C GLY A 4 11.41 5.17 8.75
N SER A 5 10.26 4.50 8.89
CA SER A 5 10.02 3.11 8.46
C SER A 5 8.62 2.93 7.86
N SER A 6 8.47 1.99 6.92
CA SER A 6 7.19 1.63 6.28
C SER A 6 6.29 0.74 7.16
N GLY A 7 6.88 -0.06 8.05
CA GLY A 7 6.21 -0.96 9.01
C GLY A 7 5.61 -2.23 8.39
N LYS A 8 4.83 -2.08 7.32
CA LYS A 8 4.16 -3.15 6.56
C LYS A 8 4.91 -3.47 5.25
N PRO A 9 4.86 -4.71 4.74
CA PRO A 9 5.64 -5.17 3.60
C PRO A 9 5.25 -4.53 2.26
N PHE A 10 3.95 -4.28 2.02
CA PHE A 10 3.44 -3.71 0.76
C PHE A 10 2.90 -2.32 0.98
N LYS A 11 3.81 -1.35 0.81
CA LYS A 11 3.59 0.10 0.89
C LYS A 11 3.33 0.63 -0.52
N CYS A 12 2.18 1.25 -0.71
CA CYS A 12 1.73 1.93 -1.94
C CYS A 12 2.79 2.90 -2.50
N SER A 13 3.04 2.83 -3.81
CA SER A 13 3.99 3.71 -4.50
C SER A 13 3.46 5.14 -4.73
N LEU A 14 2.22 5.41 -4.33
CA LEU A 14 1.46 6.63 -4.64
C LEU A 14 1.04 7.39 -3.38
N CYS A 15 0.64 6.66 -2.34
CA CYS A 15 0.17 7.20 -1.06
C CYS A 15 0.78 6.50 0.18
N GLU A 16 0.30 6.86 1.36
CA GLU A 16 0.75 6.34 2.67
C GLU A 16 0.06 5.02 3.07
N TYR A 17 -0.75 4.44 2.19
CA TYR A 17 -1.34 3.11 2.39
C TYR A 17 -0.26 2.01 2.45
N ALA A 18 -0.44 1.06 3.37
CA ALA A 18 0.35 -0.17 3.39
C ALA A 18 -0.42 -1.36 3.98
N THR A 19 -0.07 -2.58 3.54
CA THR A 19 -0.75 -3.83 3.90
C THR A 19 0.24 -5.01 4.00
N ARG A 20 -0.21 -6.10 4.65
CA ARG A 20 0.52 -7.37 4.83
C ARG A 20 0.41 -8.35 3.65
N SER A 21 -0.44 -8.07 2.65
CA SER A 21 -0.62 -8.94 1.48
C SER A 21 -0.53 -8.18 0.14
N LYS A 22 0.26 -8.72 -0.80
CA LYS A 22 0.49 -8.13 -2.13
C LYS A 22 -0.80 -8.01 -2.94
N SER A 23 -1.70 -9.00 -2.85
CA SER A 23 -3.00 -9.00 -3.53
C SER A 23 -3.98 -7.96 -2.98
N ASN A 24 -3.82 -7.54 -1.71
CA ASN A 24 -4.60 -6.47 -1.11
C ASN A 24 -4.07 -5.09 -1.55
N LEU A 25 -2.74 -4.89 -1.60
CA LEU A 25 -2.18 -3.68 -2.21
C LEU A 25 -2.55 -3.55 -3.68
N LYS A 26 -2.45 -4.63 -4.45
CA LYS A 26 -2.88 -4.70 -5.87
C LYS A 26 -4.30 -4.16 -6.05
N ALA A 27 -5.20 -4.53 -5.15
CA ALA A 27 -6.60 -4.08 -5.14
C ALA A 27 -6.72 -2.58 -4.82
N HIS A 28 -5.91 -2.07 -3.88
CA HIS A 28 -5.80 -0.65 -3.57
C HIS A 28 -5.19 0.17 -4.73
N MET A 29 -4.19 -0.38 -5.45
CA MET A 29 -3.57 0.25 -6.62
C MET A 29 -4.57 0.40 -7.77
N ASN A 30 -5.53 -0.54 -7.90
CA ASN A 30 -6.64 -0.43 -8.85
C ASN A 30 -7.63 0.70 -8.52
N ARG A 31 -7.73 1.14 -7.24
CA ARG A 31 -8.51 2.33 -6.84
C ARG A 31 -7.86 3.64 -7.31
N HIS A 32 -6.52 3.71 -7.26
CA HIS A 32 -5.76 4.81 -7.87
C HIS A 32 -5.86 4.82 -9.41
N SER A 33 -6.00 3.64 -10.03
CA SER A 33 -6.08 3.45 -11.49
C SER A 33 -7.46 3.71 -12.11
N THR A 34 -8.40 4.29 -11.35
CA THR A 34 -9.76 4.65 -11.81
C THR A 34 -10.23 5.99 -11.24
N GLU A 35 -11.29 6.57 -11.81
CA GLU A 35 -11.85 7.88 -11.46
C GLU A 35 -13.40 7.86 -11.41
N LYS A 36 -13.99 8.74 -10.59
CA LYS A 36 -15.45 8.92 -10.40
C LYS A 36 -15.83 10.38 -10.12
ZN ZN B . -2.29 4.26 -2.40
N GLY A 1 7.84 12.51 16.52
CA GLY A 1 6.64 12.02 15.83
C GLY A 1 6.33 10.57 16.20
N SER A 2 5.04 10.22 16.26
CA SER A 2 4.57 8.86 16.61
C SER A 2 4.79 7.84 15.48
N SER A 3 4.93 6.56 15.86
CA SER A 3 5.13 5.42 14.95
C SER A 3 4.26 4.22 15.33
N GLY A 4 3.86 3.41 14.34
CA GLY A 4 3.08 2.17 14.54
C GLY A 4 3.91 1.03 15.16
N SER A 5 3.22 0.07 15.80
CA SER A 5 3.85 -1.05 16.53
C SER A 5 4.49 -2.11 15.62
N SER A 6 4.03 -2.23 14.38
CA SER A 6 4.48 -3.22 13.39
C SER A 6 4.58 -2.61 11.98
N GLY A 7 5.65 -2.95 11.25
CA GLY A 7 5.88 -2.54 9.86
C GLY A 7 5.04 -3.33 8.84
N LYS A 8 4.96 -2.82 7.60
CA LYS A 8 4.19 -3.42 6.49
C LYS A 8 5.08 -3.65 5.25
N PRO A 9 4.97 -4.83 4.58
CA PRO A 9 5.75 -5.19 3.41
C PRO A 9 5.35 -4.44 2.13
N PHE A 10 4.05 -4.22 1.91
CA PHE A 10 3.50 -3.66 0.66
C PHE A 10 2.94 -2.28 0.90
N LYS A 11 3.82 -1.30 0.70
CA LYS A 11 3.59 0.15 0.79
C LYS A 11 3.33 0.70 -0.62
N CYS A 12 2.16 1.32 -0.79
CA CYS A 12 1.72 2.01 -2.02
C CYS A 12 2.77 2.99 -2.56
N SER A 13 2.91 3.03 -3.89
CA SER A 13 3.87 3.88 -4.60
C SER A 13 3.43 5.36 -4.68
N LEU A 14 2.19 5.67 -4.27
CA LEU A 14 1.52 6.96 -4.49
C LEU A 14 1.07 7.63 -3.19
N CYS A 15 0.53 6.83 -2.26
CA CYS A 15 0.02 7.29 -0.98
C CYS A 15 0.62 6.54 0.22
N GLU A 16 0.15 6.87 1.42
CA GLU A 16 0.64 6.31 2.69
C GLU A 16 -0.07 5.00 3.09
N TYR A 17 -0.84 4.40 2.17
CA TYR A 17 -1.41 3.07 2.33
C TYR A 17 -0.32 1.99 2.40
N ALA A 18 -0.51 1.02 3.30
CA ALA A 18 0.29 -0.21 3.33
C ALA A 18 -0.48 -1.40 3.89
N THR A 19 -0.08 -2.61 3.49
CA THR A 19 -0.73 -3.88 3.86
C THR A 19 0.27 -5.03 3.97
N ARG A 20 -0.14 -6.11 4.65
CA ARG A 20 0.65 -7.34 4.90
C ARG A 20 0.57 -8.37 3.76
N SER A 21 -0.32 -8.19 2.77
CA SER A 21 -0.51 -9.11 1.64
C SER A 21 -0.53 -8.38 0.29
N LYS A 22 0.24 -8.86 -0.70
CA LYS A 22 0.37 -8.20 -2.01
C LYS A 22 -0.94 -8.11 -2.80
N SER A 23 -1.85 -9.07 -2.58
CA SER A 23 -3.21 -9.09 -3.13
C SER A 23 -4.08 -7.92 -2.64
N ASN A 24 -3.92 -7.49 -1.39
CA ASN A 24 -4.60 -6.32 -0.84
C ASN A 24 -4.06 -5.03 -1.49
N LEU A 25 -2.73 -4.89 -1.61
CA LEU A 25 -2.15 -3.70 -2.25
C LEU A 25 -2.55 -3.62 -3.73
N LYS A 26 -2.46 -4.74 -4.46
CA LYS A 26 -2.89 -4.85 -5.85
C LYS A 26 -4.34 -4.38 -6.06
N ALA A 27 -5.22 -4.62 -5.09
CA ALA A 27 -6.60 -4.15 -5.12
C ALA A 27 -6.71 -2.64 -4.82
N HIS A 28 -5.89 -2.13 -3.90
CA HIS A 28 -5.76 -0.70 -3.60
C HIS A 28 -5.20 0.11 -4.78
N MET A 29 -4.19 -0.39 -5.50
CA MET A 29 -3.61 0.28 -6.67
C MET A 29 -4.60 0.41 -7.84
N ASN A 30 -5.59 -0.49 -7.94
CA ASN A 30 -6.69 -0.39 -8.89
C ASN A 30 -7.66 0.79 -8.58
N ARG A 31 -7.67 1.31 -7.35
CA ARG A 31 -8.40 2.55 -6.99
C ARG A 31 -7.70 3.81 -7.50
N HIS A 32 -6.37 3.80 -7.55
CA HIS A 32 -5.56 4.86 -8.16
C HIS A 32 -5.55 4.80 -9.70
N SER A 33 -5.86 3.63 -10.29
CA SER A 33 -5.79 3.35 -11.74
C SER A 33 -6.98 3.91 -12.56
N THR A 34 -7.58 5.02 -12.11
CA THR A 34 -8.66 5.73 -12.83
C THR A 34 -8.13 6.66 -13.95
N GLU A 35 -6.85 7.01 -13.92
CA GLU A 35 -6.18 7.82 -14.95
C GLU A 35 -5.64 6.98 -16.12
N LYS A 36 -5.40 7.64 -17.27
CA LYS A 36 -4.90 7.05 -18.53
C LYS A 36 -3.76 7.86 -19.14
ZN ZN B . -2.27 4.32 -2.53
N GLY A 1 12.90 -3.10 23.46
CA GLY A 1 12.07 -3.71 24.52
C GLY A 1 11.69 -5.14 24.20
N SER A 2 11.43 -5.95 25.23
CA SER A 2 11.20 -7.41 25.12
C SER A 2 9.94 -7.80 24.33
N SER A 3 9.00 -6.88 24.13
CA SER A 3 7.80 -7.03 23.29
C SER A 3 8.08 -6.95 21.77
N GLY A 4 9.29 -6.56 21.36
CA GLY A 4 9.70 -6.46 19.95
C GLY A 4 9.07 -5.29 19.19
N SER A 5 9.01 -5.40 17.87
CA SER A 5 8.49 -4.39 16.93
C SER A 5 7.76 -5.00 15.73
N SER A 6 7.01 -4.18 14.98
CA SER A 6 6.21 -4.58 13.82
C SER A 6 6.22 -3.53 12.69
N GLY A 7 5.80 -3.94 11.50
CA GLY A 7 5.75 -3.10 10.28
C GLY A 7 5.10 -3.82 9.10
N LYS A 8 5.00 -3.12 7.95
CA LYS A 8 4.29 -3.61 6.74
C LYS A 8 5.20 -3.77 5.51
N PRO A 9 5.02 -4.85 4.72
CA PRO A 9 5.80 -5.16 3.52
C PRO A 9 5.40 -4.35 2.27
N PHE A 10 4.10 -4.17 2.01
CA PHE A 10 3.59 -3.61 0.76
C PHE A 10 2.98 -2.24 0.99
N LYS A 11 3.85 -1.24 0.84
CA LYS A 11 3.57 0.20 0.90
C LYS A 11 3.32 0.71 -0.53
N CYS A 12 2.15 1.30 -0.75
CA CYS A 12 1.69 1.92 -2.00
C CYS A 12 2.72 2.89 -2.59
N SER A 13 2.95 2.79 -3.89
CA SER A 13 3.90 3.64 -4.64
C SER A 13 3.39 5.09 -4.83
N LEU A 14 2.15 5.38 -4.41
CA LEU A 14 1.41 6.61 -4.72
C LEU A 14 0.98 7.37 -3.46
N CYS A 15 0.57 6.63 -2.42
CA CYS A 15 0.08 7.17 -1.15
C CYS A 15 0.65 6.48 0.10
N GLU A 16 0.15 6.84 1.28
CA GLU A 16 0.58 6.32 2.59
C GLU A 16 -0.13 5.03 3.00
N TYR A 17 -0.89 4.41 2.08
CA TYR A 17 -1.45 3.07 2.29
C TYR A 17 -0.37 1.99 2.37
N ALA A 18 -0.56 1.03 3.27
CA ALA A 18 0.24 -0.18 3.32
C ALA A 18 -0.54 -1.38 3.87
N THR A 19 -0.14 -2.59 3.45
CA THR A 19 -0.76 -3.87 3.82
C THR A 19 0.29 -4.98 4.01
N ARG A 20 -0.10 -6.05 4.73
CA ARG A 20 0.67 -7.30 4.91
C ARG A 20 0.56 -8.26 3.72
N SER A 21 -0.35 -8.02 2.76
CA SER A 21 -0.63 -8.93 1.63
C SER A 21 -0.61 -8.21 0.28
N LYS A 22 0.22 -8.68 -0.66
CA LYS A 22 0.40 -8.05 -1.98
C LYS A 22 -0.87 -8.03 -2.83
N SER A 23 -1.77 -9.00 -2.64
CA SER A 23 -3.10 -9.07 -3.25
C SER A 23 -4.03 -7.94 -2.80
N ASN A 24 -3.92 -7.49 -1.54
CA ASN A 24 -4.65 -6.31 -1.04
C ASN A 24 -4.06 -5.01 -1.59
N LEU A 25 -2.72 -4.89 -1.69
CA LEU A 25 -2.12 -3.71 -2.31
C LEU A 25 -2.47 -3.60 -3.80
N LYS A 26 -2.36 -4.69 -4.55
CA LYS A 26 -2.79 -4.78 -5.95
C LYS A 26 -4.22 -4.24 -6.15
N ALA A 27 -5.12 -4.61 -5.24
CA ALA A 27 -6.52 -4.15 -5.24
C ALA A 27 -6.65 -2.66 -4.89
N HIS A 28 -5.84 -2.16 -3.96
CA HIS A 28 -5.75 -0.74 -3.59
C HIS A 28 -5.17 0.11 -4.74
N MET A 29 -4.17 -0.39 -5.46
CA MET A 29 -3.54 0.30 -6.60
C MET A 29 -4.55 0.53 -7.73
N ASN A 30 -5.50 -0.39 -7.92
CA ASN A 30 -6.61 -0.23 -8.88
C ASN A 30 -7.62 0.87 -8.48
N ARG A 31 -7.64 1.32 -7.21
CA ARG A 31 -8.45 2.47 -6.75
C ARG A 31 -7.85 3.81 -7.20
N HIS A 32 -6.52 3.87 -7.39
CA HIS A 32 -5.84 5.03 -7.97
C HIS A 32 -6.02 5.12 -9.49
N SER A 33 -6.29 3.99 -10.17
CA SER A 33 -6.46 3.89 -11.63
C SER A 33 -7.75 4.52 -12.19
N THR A 34 -8.61 5.11 -11.36
CA THR A 34 -9.85 5.78 -11.76
C THR A 34 -9.63 7.13 -12.46
N GLU A 35 -8.42 7.69 -12.41
CA GLU A 35 -8.01 8.93 -13.06
C GLU A 35 -6.69 8.76 -13.83
N LYS A 36 -6.59 9.38 -15.02
CA LYS A 36 -5.46 9.28 -15.96
C LYS A 36 -4.90 10.66 -16.35
ZN ZN B . -2.35 4.20 -2.53
N GLY A 1 5.42 -5.54 16.90
CA GLY A 1 5.04 -6.97 16.76
C GLY A 1 3.54 -7.11 16.55
N SER A 2 2.86 -7.86 17.43
CA SER A 2 1.38 -8.01 17.42
C SER A 2 0.65 -6.69 17.77
N SER A 3 1.34 -5.77 18.44
CA SER A 3 0.94 -4.38 18.70
C SER A 3 2.12 -3.42 18.45
N GLY A 4 1.88 -2.11 18.50
CA GLY A 4 2.85 -1.05 18.20
C GLY A 4 2.88 -0.61 16.73
N SER A 5 3.79 0.33 16.42
CA SER A 5 3.88 1.06 15.14
C SER A 5 4.71 0.37 14.04
N SER A 6 4.83 -0.97 14.09
CA SER A 6 5.64 -1.78 13.16
C SER A 6 5.25 -1.59 11.69
N GLY A 7 6.26 -1.55 10.81
CA GLY A 7 6.10 -1.34 9.36
C GLY A 7 5.51 -2.55 8.61
N LYS A 8 4.95 -2.29 7.43
CA LYS A 8 4.22 -3.26 6.57
C LYS A 8 5.00 -3.58 5.28
N PRO A 9 4.87 -4.80 4.72
CA PRO A 9 5.62 -5.24 3.54
C PRO A 9 5.23 -4.55 2.23
N PHE A 10 3.94 -4.26 2.00
CA PHE A 10 3.44 -3.69 0.75
C PHE A 10 2.89 -2.29 0.98
N LYS A 11 3.79 -1.33 0.83
CA LYS A 11 3.58 0.12 0.90
C LYS A 11 3.32 0.66 -0.52
N CYS A 12 2.18 1.30 -0.69
CA CYS A 12 1.72 1.97 -1.92
C CYS A 12 2.77 2.93 -2.51
N SER A 13 2.97 2.85 -3.84
CA SER A 13 3.91 3.69 -4.58
C SER A 13 3.42 5.14 -4.75
N LEU A 14 2.20 5.46 -4.31
CA LEU A 14 1.48 6.70 -4.59
C LEU A 14 1.06 7.46 -3.32
N CYS A 15 0.65 6.72 -2.29
CA CYS A 15 0.18 7.25 -1.01
C CYS A 15 0.79 6.54 0.22
N GLU A 16 0.31 6.90 1.42
CA GLU A 16 0.78 6.36 2.71
C GLU A 16 0.07 5.07 3.12
N TYR A 17 -0.74 4.48 2.23
CA TYR A 17 -1.32 3.15 2.43
C TYR A 17 -0.26 2.05 2.48
N ALA A 18 -0.45 1.09 3.39
CA ALA A 18 0.34 -0.14 3.42
C ALA A 18 -0.45 -1.33 3.99
N THR A 19 -0.11 -2.53 3.53
CA THR A 19 -0.82 -3.78 3.85
C THR A 19 0.14 -4.98 3.94
N ARG A 20 -0.35 -6.10 4.51
CA ARG A 20 0.40 -7.34 4.78
C ARG A 20 0.41 -8.36 3.63
N SER A 21 -0.39 -8.15 2.59
CA SER A 21 -0.48 -9.03 1.41
C SER A 21 -0.41 -8.24 0.10
N LYS A 22 0.34 -8.75 -0.89
CA LYS A 22 0.46 -8.15 -2.23
C LYS A 22 -0.88 -8.06 -2.96
N SER A 23 -1.78 -9.01 -2.72
CA SER A 23 -3.14 -9.03 -3.30
C SER A 23 -4.03 -7.90 -2.76
N ASN A 24 -3.82 -7.48 -1.51
CA ASN A 24 -4.53 -6.33 -0.92
C ASN A 24 -4.03 -5.01 -1.54
N LEU A 25 -2.70 -4.82 -1.63
CA LEU A 25 -2.14 -3.62 -2.26
C LEU A 25 -2.51 -3.53 -3.74
N LYS A 26 -2.46 -4.65 -4.46
CA LYS A 26 -2.87 -4.74 -5.87
C LYS A 26 -4.30 -4.21 -6.07
N ALA A 27 -5.21 -4.49 -5.14
CA ALA A 27 -6.59 -4.00 -5.18
C ALA A 27 -6.67 -2.48 -4.89
N HIS A 28 -5.87 -1.99 -3.94
CA HIS A 28 -5.74 -0.58 -3.62
C HIS A 28 -5.12 0.23 -4.78
N MET A 29 -4.15 -0.34 -5.50
CA MET A 29 -3.54 0.25 -6.69
C MET A 29 -4.54 0.34 -7.86
N ASN A 30 -5.51 -0.59 -7.94
CA ASN A 30 -6.61 -0.50 -8.90
C ASN A 30 -7.62 0.62 -8.55
N ARG A 31 -7.76 1.01 -7.27
CA ARG A 31 -8.54 2.21 -6.87
C ARG A 31 -7.88 3.50 -7.36
N HIS A 32 -6.56 3.62 -7.24
CA HIS A 32 -5.79 4.72 -7.84
C HIS A 32 -5.89 4.74 -9.38
N SER A 33 -6.02 3.57 -10.01
CA SER A 33 -6.09 3.38 -11.47
C SER A 33 -7.47 3.61 -12.11
N THR A 34 -8.45 4.05 -11.33
CA THR A 34 -9.81 4.40 -11.76
C THR A 34 -9.84 5.30 -13.02
N GLU A 35 -10.75 5.01 -13.95
CA GLU A 35 -10.87 5.68 -15.25
C GLU A 35 -11.62 7.04 -15.20
N LYS A 36 -11.34 7.88 -16.20
CA LYS A 36 -11.80 9.27 -16.31
C LYS A 36 -12.23 9.63 -17.74
ZN ZN B . -2.27 4.32 -2.38
N GLY A 1 19.63 8.50 4.77
CA GLY A 1 18.20 8.19 4.99
C GLY A 1 18.03 6.93 5.82
N SER A 2 16.96 6.86 6.62
CA SER A 2 16.64 5.74 7.51
C SER A 2 16.26 4.45 6.76
N SER A 3 16.59 3.29 7.35
CA SER A 3 16.33 1.95 6.77
C SER A 3 14.95 1.35 7.13
N GLY A 4 14.19 2.00 8.02
CA GLY A 4 12.85 1.56 8.46
C GLY A 4 11.74 1.71 7.42
N SER A 5 10.56 1.18 7.75
CA SER A 5 9.34 1.22 6.92
C SER A 5 8.08 1.35 7.79
N SER A 6 6.91 1.57 7.17
CA SER A 6 5.62 1.91 7.80
C SER A 6 4.91 0.74 8.50
N GLY A 7 5.66 -0.22 9.06
CA GLY A 7 5.15 -1.38 9.82
C GLY A 7 4.52 -2.50 8.98
N LYS A 8 4.53 -2.39 7.63
CA LYS A 8 3.93 -3.34 6.68
C LYS A 8 4.85 -3.58 5.46
N PRO A 9 4.80 -4.78 4.84
CA PRO A 9 5.62 -5.17 3.69
C PRO A 9 5.26 -4.44 2.38
N PHE A 10 3.97 -4.23 2.10
CA PHE A 10 3.49 -3.70 0.82
C PHE A 10 2.95 -2.29 0.98
N LYS A 11 3.87 -1.35 0.79
CA LYS A 11 3.67 0.10 0.74
C LYS A 11 3.37 0.55 -0.71
N CYS A 12 2.26 1.25 -0.88
CA CYS A 12 1.82 1.94 -2.09
C CYS A 12 2.89 2.89 -2.66
N SER A 13 2.91 3.02 -3.99
CA SER A 13 3.84 3.87 -4.74
C SER A 13 3.37 5.34 -4.85
N LEU A 14 2.14 5.63 -4.42
CA LEU A 14 1.45 6.92 -4.64
C LEU A 14 1.06 7.61 -3.33
N CYS A 15 0.61 6.82 -2.35
CA CYS A 15 0.15 7.28 -1.04
C CYS A 15 0.78 6.51 0.13
N GLU A 16 0.40 6.86 1.35
CA GLU A 16 0.92 6.27 2.60
C GLU A 16 0.20 4.96 2.99
N TYR A 17 -0.63 4.40 2.11
CA TYR A 17 -1.24 3.09 2.30
C TYR A 17 -0.20 1.97 2.35
N ALA A 18 -0.35 1.05 3.30
CA ALA A 18 0.41 -0.18 3.34
C ALA A 18 -0.37 -1.36 3.95
N THR A 19 -0.06 -2.57 3.50
CA THR A 19 -0.77 -3.81 3.86
C THR A 19 0.19 -5.01 3.99
N ARG A 20 -0.27 -6.07 4.67
CA ARG A 20 0.45 -7.34 4.89
C ARG A 20 0.25 -8.39 3.79
N SER A 21 -0.57 -8.11 2.77
CA SER A 21 -0.78 -8.99 1.61
C SER A 21 -0.66 -8.25 0.27
N LYS A 22 0.14 -8.80 -0.65
CA LYS A 22 0.42 -8.20 -1.97
C LYS A 22 -0.84 -8.07 -2.83
N SER A 23 -1.75 -9.04 -2.75
CA SER A 23 -3.04 -9.02 -3.47
C SER A 23 -4.00 -7.94 -2.96
N ASN A 24 -3.87 -7.51 -1.71
CA ASN A 24 -4.64 -6.39 -1.16
C ASN A 24 -4.06 -5.04 -1.61
N LEU A 25 -2.72 -4.89 -1.64
CA LEU A 25 -2.09 -3.72 -2.26
C LEU A 25 -2.45 -3.62 -3.75
N LYS A 26 -2.33 -4.72 -4.50
CA LYS A 26 -2.72 -4.80 -5.93
C LYS A 26 -4.14 -4.24 -6.17
N ALA A 27 -5.07 -4.56 -5.28
CA ALA A 27 -6.44 -4.06 -5.30
C ALA A 27 -6.50 -2.54 -5.01
N HIS A 28 -5.77 -2.07 -4.00
CA HIS A 28 -5.62 -0.65 -3.68
C HIS A 28 -5.01 0.17 -4.84
N MET A 29 -4.05 -0.39 -5.58
CA MET A 29 -3.45 0.26 -6.77
C MET A 29 -4.44 0.39 -7.93
N ASN A 30 -5.48 -0.44 -7.99
CA ASN A 30 -6.60 -0.29 -8.92
C ASN A 30 -7.59 0.80 -8.44
N ARG A 31 -7.78 0.99 -7.12
CA ARG A 31 -8.59 2.09 -6.54
C ARG A 31 -7.99 3.48 -6.82
N HIS A 32 -6.70 3.58 -7.11
CA HIS A 32 -6.07 4.80 -7.61
C HIS A 32 -6.40 5.10 -9.09
N SER A 33 -6.81 4.09 -9.87
CA SER A 33 -7.05 4.17 -11.31
C SER A 33 -8.54 4.37 -11.68
N THR A 34 -9.47 3.85 -10.87
CA THR A 34 -10.92 3.97 -11.09
C THR A 34 -11.45 5.39 -10.89
N GLU A 35 -12.52 5.73 -11.64
CA GLU A 35 -13.25 7.00 -11.49
C GLU A 35 -14.19 6.96 -10.27
N LYS A 36 -14.20 8.04 -9.46
CA LYS A 36 -14.86 8.13 -8.14
C LYS A 36 -15.62 9.45 -7.98
ZN ZN B . -2.16 4.31 -2.53
N GLY A 1 -6.06 2.65 13.22
CA GLY A 1 -5.04 1.66 12.81
C GLY A 1 -4.58 0.81 13.98
N SER A 2 -3.52 0.02 13.78
CA SER A 2 -2.93 -0.87 14.81
C SER A 2 -2.07 -0.14 15.85
N SER A 3 -1.41 0.96 15.46
CA SER A 3 -0.49 1.83 16.23
C SER A 3 0.78 1.16 16.80
N GLY A 4 0.75 -0.12 17.17
CA GLY A 4 1.89 -0.88 17.69
C GLY A 4 2.84 -1.45 16.63
N SER A 5 2.41 -1.51 15.36
CA SER A 5 3.20 -2.05 14.24
C SER A 5 4.39 -1.14 13.87
N SER A 6 5.56 -1.74 13.64
CA SER A 6 6.78 -1.04 13.20
C SER A 6 6.73 -0.64 11.71
N GLY A 7 6.06 -1.44 10.88
CA GLY A 7 5.86 -1.21 9.45
C GLY A 7 5.11 -2.36 8.76
N LYS A 8 4.90 -2.21 7.44
CA LYS A 8 4.24 -3.20 6.55
C LYS A 8 5.11 -3.55 5.34
N PRO A 9 4.99 -4.76 4.76
CA PRO A 9 5.74 -5.20 3.59
C PRO A 9 5.35 -4.51 2.28
N PHE A 10 4.04 -4.25 2.05
CA PHE A 10 3.52 -3.69 0.80
C PHE A 10 2.95 -2.30 1.01
N LYS A 11 3.86 -1.32 0.84
CA LYS A 11 3.61 0.12 0.81
C LYS A 11 3.27 0.56 -0.62
N CYS A 12 2.13 1.22 -0.77
CA CYS A 12 1.69 1.92 -1.97
C CYS A 12 2.77 2.90 -2.46
N SER A 13 3.02 2.91 -3.77
CA SER A 13 3.99 3.81 -4.42
C SER A 13 3.43 5.23 -4.66
N LEU A 14 2.16 5.45 -4.32
CA LEU A 14 1.38 6.65 -4.66
C LEU A 14 0.92 7.42 -3.41
N CYS A 15 0.53 6.67 -2.37
CA CYS A 15 0.06 7.20 -1.09
C CYS A 15 0.69 6.48 0.12
N GLU A 16 0.26 6.84 1.32
CA GLU A 16 0.77 6.31 2.60
C GLU A 16 0.10 4.98 3.01
N TYR A 17 -0.74 4.41 2.16
CA TYR A 17 -1.34 3.08 2.38
C TYR A 17 -0.29 1.97 2.43
N ALA A 18 -0.43 1.03 3.38
CA ALA A 18 0.37 -0.18 3.40
C ALA A 18 -0.34 -1.37 4.05
N THR A 19 -0.04 -2.57 3.57
CA THR A 19 -0.71 -3.83 3.92
C THR A 19 0.27 -5.02 4.02
N ARG A 20 -0.17 -6.11 4.66
CA ARG A 20 0.54 -7.40 4.77
C ARG A 20 0.35 -8.34 3.57
N SER A 21 -0.56 -8.04 2.64
CA SER A 21 -0.83 -8.86 1.45
C SER A 21 -0.60 -8.10 0.14
N LYS A 22 0.21 -8.67 -0.76
CA LYS A 22 0.46 -8.11 -2.10
C LYS A 22 -0.81 -8.02 -2.96
N SER A 23 -1.73 -8.97 -2.82
CA SER A 23 -3.02 -8.95 -3.51
C SER A 23 -4.00 -7.93 -2.92
N ASN A 24 -3.85 -7.56 -1.64
CA ASN A 24 -4.63 -6.46 -1.06
C ASN A 24 -4.08 -5.09 -1.51
N LEU A 25 -2.76 -4.90 -1.57
CA LEU A 25 -2.18 -3.70 -2.19
C LEU A 25 -2.56 -3.58 -3.67
N LYS A 26 -2.43 -4.65 -4.44
CA LYS A 26 -2.86 -4.74 -5.85
C LYS A 26 -4.30 -4.22 -6.06
N ALA A 27 -5.19 -4.59 -5.15
CA ALA A 27 -6.58 -4.15 -5.15
C ALA A 27 -6.73 -2.65 -4.81
N HIS A 28 -5.91 -2.14 -3.88
CA HIS A 28 -5.81 -0.71 -3.57
C HIS A 28 -5.22 0.11 -4.72
N MET A 29 -4.21 -0.42 -5.44
CA MET A 29 -3.57 0.23 -6.59
C MET A 29 -4.56 0.41 -7.76
N ASN A 30 -5.53 -0.50 -7.91
CA ASN A 30 -6.61 -0.38 -8.89
C ASN A 30 -7.60 0.77 -8.55
N ARG A 31 -7.69 1.22 -7.28
CA ARG A 31 -8.48 2.40 -6.89
C ARG A 31 -7.81 3.72 -7.31
N HIS A 32 -6.48 3.74 -7.37
CA HIS A 32 -5.72 4.86 -7.95
C HIS A 32 -5.75 4.87 -9.50
N SER A 33 -6.03 3.72 -10.13
CA SER A 33 -5.92 3.52 -11.59
C SER A 33 -7.14 4.01 -12.40
N THR A 34 -8.23 4.42 -11.75
CA THR A 34 -9.44 4.96 -12.42
C THR A 34 -9.25 6.40 -12.88
N GLU A 35 -10.01 6.81 -13.91
CA GLU A 35 -9.98 8.17 -14.50
C GLU A 35 -11.36 8.57 -15.03
N LYS A 36 -11.66 9.88 -15.05
CA LYS A 36 -12.93 10.48 -15.50
C LYS A 36 -12.70 11.62 -16.49
ZN ZN B . -2.35 4.22 -2.41
N GLY A 1 3.94 11.92 5.01
CA GLY A 1 4.76 11.92 6.24
C GLY A 1 6.20 11.54 5.96
N SER A 2 6.90 10.98 6.95
CA SER A 2 8.31 10.59 6.85
C SER A 2 8.54 9.40 5.90
N SER A 3 9.67 9.42 5.17
CA SER A 3 10.08 8.35 4.25
C SER A 3 10.80 7.19 4.97
N GLY A 4 10.73 5.98 4.40
CA GLY A 4 11.33 4.77 4.95
C GLY A 4 10.68 4.25 6.25
N SER A 5 11.29 3.23 6.86
CA SER A 5 10.89 2.62 8.14
C SER A 5 9.42 2.16 8.21
N SER A 6 8.87 1.68 7.09
CA SER A 6 7.46 1.27 6.95
C SER A 6 7.07 0.13 7.89
N GLY A 7 5.89 0.21 8.51
CA GLY A 7 5.36 -0.80 9.45
C GLY A 7 4.94 -2.12 8.80
N LYS A 8 4.67 -2.10 7.49
CA LYS A 8 4.05 -3.19 6.71
C LYS A 8 4.78 -3.42 5.37
N PRO A 9 4.79 -4.65 4.83
CA PRO A 9 5.62 -5.05 3.69
C PRO A 9 5.24 -4.39 2.36
N PHE A 10 3.95 -4.22 2.05
CA PHE A 10 3.48 -3.70 0.77
C PHE A 10 2.95 -2.29 0.94
N LYS A 11 3.87 -1.35 0.77
CA LYS A 11 3.66 0.10 0.73
C LYS A 11 3.31 0.55 -0.69
N CYS A 12 2.16 1.20 -0.82
CA CYS A 12 1.72 1.90 -2.03
C CYS A 12 2.80 2.90 -2.50
N SER A 13 3.06 2.90 -3.81
CA SER A 13 4.02 3.81 -4.46
C SER A 13 3.46 5.22 -4.69
N LEU A 14 2.18 5.43 -4.38
CA LEU A 14 1.40 6.63 -4.72
C LEU A 14 0.95 7.40 -3.47
N CYS A 15 0.56 6.65 -2.43
CA CYS A 15 0.11 7.17 -1.14
C CYS A 15 0.74 6.45 0.06
N GLU A 16 0.28 6.81 1.26
CA GLU A 16 0.78 6.28 2.53
C GLU A 16 0.09 4.97 2.97
N TYR A 17 -0.73 4.38 2.11
CA TYR A 17 -1.33 3.06 2.33
C TYR A 17 -0.28 1.95 2.39
N ALA A 18 -0.43 1.03 3.34
CA ALA A 18 0.37 -0.20 3.37
C ALA A 18 -0.40 -1.40 3.96
N THR A 19 -0.06 -2.60 3.49
CA THR A 19 -0.73 -3.86 3.86
C THR A 19 0.25 -5.03 3.98
N ARG A 20 -0.20 -6.13 4.61
CA ARG A 20 0.54 -7.39 4.81
C ARG A 20 0.45 -8.38 3.65
N SER A 21 -0.42 -8.13 2.66
CA SER A 21 -0.65 -9.02 1.50
C SER A 21 -0.56 -8.26 0.17
N LYS A 22 0.29 -8.73 -0.76
CA LYS A 22 0.52 -8.10 -2.07
C LYS A 22 -0.75 -8.05 -2.94
N SER A 23 -1.62 -9.05 -2.81
CA SER A 23 -2.94 -9.14 -3.44
C SER A 23 -3.93 -8.08 -2.93
N ASN A 24 -3.77 -7.61 -1.69
CA ASN A 24 -4.57 -6.54 -1.11
C ASN A 24 -4.05 -5.15 -1.55
N LEU A 25 -2.72 -4.96 -1.62
CA LEU A 25 -2.15 -3.76 -2.22
C LEU A 25 -2.54 -3.62 -3.69
N LYS A 26 -2.44 -4.70 -4.47
CA LYS A 26 -2.90 -4.75 -5.88
C LYS A 26 -4.34 -4.21 -6.03
N ALA A 27 -5.22 -4.60 -5.11
CA ALA A 27 -6.61 -4.17 -5.08
C ALA A 27 -6.77 -2.68 -4.68
N HIS A 28 -5.88 -2.17 -3.84
CA HIS A 28 -5.79 -0.74 -3.51
C HIS A 28 -5.21 0.09 -4.67
N MET A 29 -4.20 -0.43 -5.38
CA MET A 29 -3.57 0.25 -6.53
C MET A 29 -4.56 0.47 -7.69
N ASN A 30 -5.53 -0.44 -7.85
CA ASN A 30 -6.64 -0.29 -8.79
C ASN A 30 -7.54 0.92 -8.48
N ARG A 31 -7.64 1.36 -7.21
CA ARG A 31 -8.45 2.53 -6.78
C ARG A 31 -7.83 3.85 -7.20
N HIS A 32 -6.51 3.90 -7.38
CA HIS A 32 -5.78 5.05 -7.94
C HIS A 32 -5.93 5.17 -9.47
N SER A 33 -6.49 4.15 -10.16
CA SER A 33 -6.62 4.08 -11.63
C SER A 33 -7.89 4.75 -12.18
N THR A 34 -8.67 5.43 -11.34
CA THR A 34 -9.90 6.14 -11.73
C THR A 34 -9.63 7.44 -12.52
N GLU A 35 -10.62 7.90 -13.29
CA GLU A 35 -10.53 9.12 -14.13
C GLU A 35 -10.82 10.40 -13.31
N LYS A 36 -10.13 10.57 -12.18
CA LYS A 36 -10.30 11.65 -11.19
C LYS A 36 -8.98 12.36 -10.88
ZN ZN B . -2.31 4.20 -2.49
N GLY A 1 18.86 0.65 21.11
CA GLY A 1 17.75 -0.24 20.74
C GLY A 1 17.60 -0.38 19.23
N SER A 2 16.40 -0.72 18.75
CA SER A 2 16.09 -0.91 17.32
C SER A 2 16.17 0.40 16.52
N SER A 3 16.49 0.30 15.22
CA SER A 3 16.62 1.45 14.30
C SER A 3 15.27 2.02 13.83
N GLY A 4 14.18 1.26 13.95
CA GLY A 4 12.81 1.66 13.60
C GLY A 4 11.78 0.54 13.78
N SER A 5 10.54 0.81 13.39
CA SER A 5 9.44 -0.17 13.38
C SER A 5 9.59 -1.21 12.26
N SER A 6 9.02 -2.40 12.45
CA SER A 6 8.89 -3.44 11.40
C SER A 6 7.86 -3.07 10.32
N GLY A 7 6.88 -2.22 10.64
CA GLY A 7 5.91 -1.66 9.70
C GLY A 7 5.10 -2.71 8.92
N LYS A 8 4.89 -2.45 7.62
CA LYS A 8 4.17 -3.32 6.68
C LYS A 8 4.97 -3.57 5.38
N PRO A 9 4.87 -4.77 4.78
CA PRO A 9 5.66 -5.19 3.63
C PRO A 9 5.30 -4.47 2.31
N PHE A 10 4.01 -4.20 2.07
CA PHE A 10 3.52 -3.64 0.80
C PHE A 10 2.99 -2.23 1.02
N LYS A 11 3.90 -1.28 0.86
CA LYS A 11 3.65 0.17 0.82
C LYS A 11 3.32 0.59 -0.62
N CYS A 12 2.20 1.27 -0.77
CA CYS A 12 1.74 1.92 -1.99
C CYS A 12 2.82 2.85 -2.59
N SER A 13 2.97 2.81 -3.92
CA SER A 13 3.93 3.64 -4.66
C SER A 13 3.45 5.10 -4.84
N LEU A 14 2.22 5.39 -4.40
CA LEU A 14 1.51 6.64 -4.68
C LEU A 14 1.11 7.40 -3.39
N CYS A 15 0.72 6.64 -2.36
CA CYS A 15 0.25 7.18 -1.08
C CYS A 15 0.80 6.46 0.18
N GLU A 16 0.27 6.83 1.33
CA GLU A 16 0.64 6.34 2.66
C GLU A 16 0.08 4.95 2.98
N TYR A 17 -0.79 4.41 2.12
CA TYR A 17 -1.39 3.09 2.30
C TYR A 17 -0.34 1.97 2.37
N ALA A 18 -0.51 1.06 3.32
CA ALA A 18 0.28 -0.16 3.37
C ALA A 18 -0.50 -1.35 3.95
N THR A 19 -0.13 -2.56 3.50
CA THR A 19 -0.82 -3.82 3.84
C THR A 19 0.17 -4.98 3.98
N ARG A 20 -0.28 -6.07 4.62
CA ARG A 20 0.49 -7.30 4.89
C ARG A 20 0.40 -8.36 3.77
N SER A 21 -0.45 -8.15 2.76
CA SER A 21 -0.63 -9.07 1.62
C SER A 21 -0.59 -8.33 0.27
N LYS A 22 0.20 -8.82 -0.69
CA LYS A 22 0.38 -8.16 -2.00
C LYS A 22 -0.90 -8.06 -2.82
N SER A 23 -1.83 -9.00 -2.62
CA SER A 23 -3.17 -9.02 -3.23
C SER A 23 -4.05 -7.83 -2.78
N ASN A 24 -3.91 -7.39 -1.53
CA ASN A 24 -4.61 -6.20 -1.01
C ASN A 24 -4.04 -4.93 -1.66
N LEU A 25 -2.72 -4.79 -1.73
CA LEU A 25 -2.10 -3.62 -2.35
C LEU A 25 -2.41 -3.55 -3.85
N LYS A 26 -2.33 -4.68 -4.55
CA LYS A 26 -2.70 -4.79 -5.98
C LYS A 26 -4.12 -4.26 -6.25
N ALA A 27 -5.05 -4.51 -5.34
CA ALA A 27 -6.42 -4.00 -5.43
C ALA A 27 -6.47 -2.48 -5.13
N HIS A 28 -5.75 -2.01 -4.12
CA HIS A 28 -5.63 -0.60 -3.77
C HIS A 28 -4.99 0.24 -4.89
N MET A 29 -4.01 -0.32 -5.60
CA MET A 29 -3.36 0.29 -6.78
C MET A 29 -4.32 0.42 -7.97
N ASN A 30 -5.39 -0.39 -8.02
CA ASN A 30 -6.50 -0.22 -8.98
C ASN A 30 -7.54 0.81 -8.49
N ARG A 31 -7.79 0.92 -7.18
CA ARG A 31 -8.65 1.99 -6.60
C ARG A 31 -8.13 3.40 -6.86
N HIS A 32 -6.82 3.55 -7.08
CA HIS A 32 -6.20 4.82 -7.49
C HIS A 32 -6.63 5.30 -8.90
N SER A 33 -7.19 4.43 -9.75
CA SER A 33 -7.79 4.82 -11.04
C SER A 33 -9.21 5.35 -10.85
N THR A 34 -9.48 6.56 -11.36
CA THR A 34 -10.74 7.31 -11.14
C THR A 34 -11.20 8.06 -12.41
N GLU A 35 -12.47 8.44 -12.44
CA GLU A 35 -13.10 9.24 -13.51
C GLU A 35 -13.84 10.47 -12.93
N LYS A 36 -13.94 11.54 -13.73
CA LYS A 36 -14.59 12.82 -13.38
C LYS A 36 -15.25 13.51 -14.58
ZN ZN B . -2.24 4.29 -2.52
N GLY A 1 3.92 8.69 15.84
CA GLY A 1 3.93 7.22 15.65
C GLY A 1 4.15 6.49 16.96
N SER A 2 3.95 5.16 16.95
CA SER A 2 4.05 4.28 18.13
C SER A 2 4.74 2.96 17.81
N SER A 3 5.47 2.39 18.78
CA SER A 3 6.32 1.19 18.61
C SER A 3 5.56 -0.14 18.50
N GLY A 4 4.24 -0.14 18.67
CA GLY A 4 3.38 -1.34 18.61
C GLY A 4 3.18 -1.94 17.20
N SER A 5 3.54 -1.22 16.14
CA SER A 5 3.46 -1.72 14.75
C SER A 5 4.56 -2.74 14.43
N SER A 6 4.18 -3.83 13.75
CA SER A 6 5.10 -4.82 13.19
C SER A 6 5.67 -4.42 11.81
N GLY A 7 5.47 -3.17 11.39
CA GLY A 7 5.74 -2.68 10.03
C GLY A 7 4.74 -3.20 8.99
N LYS A 8 4.91 -2.81 7.72
CA LYS A 8 4.15 -3.34 6.58
C LYS A 8 5.06 -3.58 5.35
N PRO A 9 4.93 -4.74 4.68
CA PRO A 9 5.74 -5.12 3.52
C PRO A 9 5.34 -4.39 2.22
N PHE A 10 4.04 -4.20 1.98
CA PHE A 10 3.51 -3.65 0.73
C PHE A 10 2.93 -2.27 0.96
N LYS A 11 3.81 -1.28 0.80
CA LYS A 11 3.55 0.16 0.87
C LYS A 11 3.29 0.68 -0.55
N CYS A 12 2.11 1.29 -0.74
CA CYS A 12 1.65 1.92 -1.98
C CYS A 12 2.70 2.89 -2.57
N SER A 13 2.95 2.76 -3.88
CA SER A 13 3.90 3.62 -4.61
C SER A 13 3.40 5.06 -4.81
N LEU A 14 2.16 5.35 -4.38
CA LEU A 14 1.42 6.57 -4.69
C LEU A 14 0.99 7.35 -3.44
N CYS A 15 0.57 6.62 -2.40
CA CYS A 15 0.09 7.16 -1.12
C CYS A 15 0.68 6.48 0.12
N GLU A 16 0.19 6.86 1.30
CA GLU A 16 0.64 6.35 2.61
C GLU A 16 -0.05 5.02 3.03
N TYR A 17 -0.84 4.43 2.14
CA TYR A 17 -1.41 3.10 2.34
C TYR A 17 -0.33 2.01 2.40
N ALA A 18 -0.50 1.05 3.31
CA ALA A 18 0.29 -0.17 3.34
C ALA A 18 -0.47 -1.37 3.92
N THR A 19 -0.09 -2.58 3.51
CA THR A 19 -0.73 -3.84 3.89
C THR A 19 0.28 -5.00 4.00
N ARG A 20 -0.11 -6.07 4.72
CA ARG A 20 0.67 -7.31 4.88
C ARG A 20 0.54 -8.30 3.70
N SER A 21 -0.37 -8.04 2.74
CA SER A 21 -0.66 -8.94 1.62
C SER A 21 -0.59 -8.23 0.25
N LYS A 22 0.23 -8.75 -0.67
CA LYS A 22 0.48 -8.16 -2.00
C LYS A 22 -0.81 -8.04 -2.83
N SER A 23 -1.68 -9.06 -2.78
CA SER A 23 -2.98 -9.08 -3.47
C SER A 23 -3.97 -8.04 -2.93
N ASN A 24 -3.80 -7.57 -1.69
CA ASN A 24 -4.59 -6.49 -1.10
C ASN A 24 -4.07 -5.11 -1.55
N LEU A 25 -2.74 -4.91 -1.60
CA LEU A 25 -2.16 -3.70 -2.21
C LEU A 25 -2.54 -3.58 -3.69
N LYS A 26 -2.42 -4.66 -4.45
CA LYS A 26 -2.85 -4.75 -5.86
C LYS A 26 -4.28 -4.21 -6.07
N ALA A 27 -5.18 -4.58 -5.16
CA ALA A 27 -6.58 -4.15 -5.16
C ALA A 27 -6.74 -2.66 -4.80
N HIS A 28 -5.90 -2.15 -3.89
CA HIS A 28 -5.82 -0.73 -3.55
C HIS A 28 -5.22 0.12 -4.70
N MET A 29 -4.20 -0.39 -5.40
CA MET A 29 -3.55 0.30 -6.53
C MET A 29 -4.55 0.56 -7.67
N ASN A 30 -5.49 -0.38 -7.89
CA ASN A 30 -6.58 -0.23 -8.87
C ASN A 30 -7.54 0.93 -8.52
N ARG A 31 -7.64 1.35 -7.24
CA ARG A 31 -8.43 2.52 -6.81
C ARG A 31 -7.79 3.85 -7.22
N HIS A 32 -6.46 3.86 -7.41
CA HIS A 32 -5.74 4.99 -8.01
C HIS A 32 -5.84 4.98 -9.55
N SER A 33 -5.99 3.80 -10.17
CA SER A 33 -6.15 3.63 -11.62
C SER A 33 -7.50 4.12 -12.15
N THR A 34 -8.58 3.96 -11.37
CA THR A 34 -9.92 4.48 -11.70
C THR A 34 -10.09 5.98 -11.40
N GLU A 35 -11.01 6.63 -12.09
CA GLU A 35 -11.31 8.07 -11.97
C GLU A 35 -12.82 8.35 -11.92
N LYS A 36 -13.21 9.51 -11.36
CA LYS A 36 -14.59 9.99 -11.24
C LYS A 36 -14.72 11.48 -11.64
ZN ZN B . -2.38 4.21 -2.48
N GLY A 1 0.56 3.38 20.32
CA GLY A 1 1.34 4.64 20.23
C GLY A 1 2.23 4.65 19.00
N SER A 2 2.53 5.84 18.47
CA SER A 2 3.26 6.04 17.20
C SER A 2 4.69 5.50 17.18
N SER A 3 5.32 5.32 18.34
CA SER A 3 6.67 4.75 18.51
C SER A 3 6.71 3.21 18.50
N GLY A 4 5.57 2.53 18.27
CA GLY A 4 5.46 1.07 18.24
C GLY A 4 6.22 0.39 17.10
N SER A 5 6.44 -0.92 17.22
CA SER A 5 7.28 -1.75 16.34
C SER A 5 6.57 -2.29 15.08
N SER A 6 5.29 -1.96 14.87
CA SER A 6 4.49 -2.40 13.71
C SER A 6 5.04 -1.84 12.38
N GLY A 7 4.95 -2.65 11.32
CA GLY A 7 5.38 -2.31 9.96
C GLY A 7 4.80 -3.26 8.91
N LYS A 8 4.62 -2.76 7.69
CA LYS A 8 3.94 -3.45 6.58
C LYS A 8 4.88 -3.65 5.37
N PRO A 9 4.82 -4.83 4.69
CA PRO A 9 5.65 -5.18 3.55
C PRO A 9 5.29 -4.42 2.26
N PHE A 10 4.00 -4.21 1.98
CA PHE A 10 3.51 -3.65 0.72
C PHE A 10 2.98 -2.23 0.92
N LYS A 11 3.91 -1.29 0.75
CA LYS A 11 3.70 0.16 0.74
C LYS A 11 3.33 0.61 -0.69
N CYS A 12 2.20 1.29 -0.79
CA CYS A 12 1.73 1.99 -1.99
C CYS A 12 2.79 2.97 -2.51
N SER A 13 2.99 2.97 -3.83
CA SER A 13 3.93 3.85 -4.54
C SER A 13 3.41 5.28 -4.73
N LEU A 14 2.15 5.53 -4.34
CA LEU A 14 1.40 6.76 -4.64
C LEU A 14 0.97 7.50 -3.37
N CYS A 15 0.59 6.74 -2.34
CA CYS A 15 0.14 7.25 -1.04
C CYS A 15 0.78 6.52 0.15
N GLU A 16 0.33 6.85 1.36
CA GLU A 16 0.82 6.31 2.62
C GLU A 16 0.12 5.00 3.06
N TYR A 17 -0.71 4.43 2.18
CA TYR A 17 -1.30 3.11 2.38
C TYR A 17 -0.25 1.99 2.42
N ALA A 18 -0.42 1.05 3.35
CA ALA A 18 0.36 -0.18 3.36
C ALA A 18 -0.42 -1.38 3.93
N THR A 19 -0.06 -2.58 3.50
CA THR A 19 -0.74 -3.84 3.84
C THR A 19 0.22 -5.03 3.96
N ARG A 20 -0.22 -6.10 4.64
CA ARG A 20 0.54 -7.34 4.89
C ARG A 20 0.49 -8.37 3.73
N SER A 21 -0.38 -8.17 2.73
CA SER A 21 -0.57 -9.10 1.60
C SER A 21 -0.57 -8.36 0.26
N LYS A 22 0.23 -8.83 -0.72
CA LYS A 22 0.39 -8.15 -2.02
C LYS A 22 -0.92 -8.03 -2.82
N SER A 23 -1.84 -8.98 -2.67
CA SER A 23 -3.17 -8.96 -3.29
C SER A 23 -4.07 -7.84 -2.75
N ASN A 24 -3.86 -7.38 -1.52
CA ASN A 24 -4.56 -6.22 -0.96
C ASN A 24 -4.04 -4.92 -1.59
N LEU A 25 -2.72 -4.77 -1.68
CA LEU A 25 -2.12 -3.59 -2.31
C LEU A 25 -2.46 -3.51 -3.79
N LYS A 26 -2.37 -4.62 -4.51
CA LYS A 26 -2.81 -4.75 -5.93
C LYS A 26 -4.21 -4.17 -6.14
N ALA A 27 -5.13 -4.48 -5.23
CA ALA A 27 -6.51 -3.99 -5.26
C ALA A 27 -6.61 -2.48 -4.95
N HIS A 28 -5.82 -1.99 -3.99
CA HIS A 28 -5.71 -0.57 -3.65
C HIS A 28 -5.09 0.26 -4.80
N MET A 29 -4.12 -0.30 -5.53
CA MET A 29 -3.51 0.30 -6.73
C MET A 29 -4.52 0.39 -7.88
N ASN A 30 -5.49 -0.53 -7.96
CA ASN A 30 -6.61 -0.46 -8.89
C ASN A 30 -7.64 0.63 -8.52
N ARG A 31 -7.80 0.96 -7.22
CA ARG A 31 -8.58 2.14 -6.79
C ARG A 31 -7.93 3.44 -7.25
N HIS A 32 -6.60 3.55 -7.17
CA HIS A 32 -5.86 4.68 -7.75
C HIS A 32 -5.99 4.76 -9.28
N SER A 33 -5.99 3.61 -9.96
CA SER A 33 -6.06 3.51 -11.43
C SER A 33 -7.33 4.13 -12.03
N THR A 34 -8.46 4.11 -11.31
CA THR A 34 -9.70 4.84 -11.66
C THR A 34 -9.65 6.33 -11.24
N GLU A 35 -8.48 6.96 -11.43
CA GLU A 35 -8.19 8.39 -11.23
C GLU A 35 -8.52 8.93 -9.81
N LYS A 36 -7.93 8.28 -8.79
CA LYS A 36 -8.06 8.65 -7.37
C LYS A 36 -6.71 9.03 -6.73
ZN ZN B . -2.28 4.34 -2.39
#